data_4CSI
#
_entry.id   4CSI
#
_cell.length_a   59.931
_cell.length_b   85.266
_cell.length_c   135.854
_cell.angle_alpha   90.00
_cell.angle_beta   90.00
_cell.angle_gamma   90.00
#
_symmetry.space_group_name_H-M   'P 21 21 21'
#
loop_
_entity.id
_entity.type
_entity.pdbx_description
1 polymer CELLULASE
2 non-polymer 2-acetamido-2-deoxy-beta-D-glucopyranose
3 non-polymer DI(HYDROXYETHYL)ETHER
4 water water
#
_entity_poly.entity_id   1
_entity_poly.type   'polypeptide(L)'
_entity_poly.pdbx_seq_one_letter_code
;(PCA)QACSLTTERHPSLSWKKCTAGGQCQTVQASITLDSNWRWTHQVSGSTNCYTGNKWDTSICTDAKSCAQNCCVDGA
DYTSTYGITTNGDSLSLKFVTKGQHSTNVGSRTYLMDGEDKYQTFELLGNEFTFDVDVSNIGCGLNGALYFVSMDADGGL
SRYPGNKAGAKYGTGYCDAQCPRDIKFINGEANIEGWTGSTNDPNAGAGRYGTCCSEMDIWEANNMATAFTPHPCTIIGQ
SRCEGDSCGGTYSNERYAGVCDPDGCDFNSYRQGNKTFYGKGMTVDTTKKITVVTQFLKDANGDLGEIKRFYVQDGKIIP
NSESTIPGVEGNSITQDWCDRQKVAFGDIDDFNRKGGMKQMGKALAGPMVLVMSIWDDHASNMLWLDSTFPVDAAGKPGA
ERGACPTTSGVPAEVEAEAPNSNVVFSNIRFGPIGSTVAGLPG
;
_entity_poly.pdbx_strand_id   A,B
#
# COMPACT_ATOMS: atom_id res chain seq x y z
N GLN A 2 -27.31 -0.57 1.73
CA GLN A 2 -27.00 -1.90 2.23
CA GLN A 2 -27.14 -1.94 2.19
C GLN A 2 -26.69 -2.81 1.02
N ALA A 3 -26.34 -4.06 1.27
CA ALA A 3 -26.08 -4.99 0.20
C ALA A 3 -27.07 -6.15 0.28
N CYS A 4 -27.65 -6.50 -0.85
CA CYS A 4 -28.55 -7.65 -0.95
C CYS A 4 -27.94 -8.68 -1.86
N SER A 5 -28.55 -9.86 -1.90
CA SER A 5 -28.03 -10.95 -2.69
C SER A 5 -29.13 -11.74 -3.39
N LEU A 6 -30.17 -11.05 -3.87
CA LEU A 6 -31.11 -11.68 -4.83
C LEU A 6 -30.34 -12.14 -6.08
N THR A 7 -29.27 -11.40 -6.41
CA THR A 7 -28.32 -11.78 -7.45
C THR A 7 -26.95 -11.97 -6.77
N THR A 8 -26.40 -13.18 -6.89
CA THR A 8 -25.15 -13.48 -6.24
C THR A 8 -24.12 -12.60 -6.92
N GLU A 9 -23.26 -11.97 -6.13
CA GLU A 9 -22.21 -11.12 -6.69
C GLU A 9 -20.96 -11.97 -6.89
N ARG A 10 -20.55 -12.08 -8.14
CA ARG A 10 -19.34 -12.80 -8.54
C ARG A 10 -18.49 -11.81 -9.35
N HIS A 11 -17.42 -11.30 -8.74
CA HIS A 11 -16.49 -10.36 -9.43
C HIS A 11 -15.76 -11.07 -10.59
N PRO A 12 -15.91 -10.59 -11.85
CA PRO A 12 -15.19 -11.31 -12.90
C PRO A 12 -13.69 -11.29 -12.63
N SER A 13 -13.00 -12.40 -12.89
CA SER A 13 -11.57 -12.44 -12.60
CA SER A 13 -11.56 -12.48 -12.63
C SER A 13 -10.73 -11.66 -13.59
N LEU A 14 -9.68 -11.06 -13.09
CA LEU A 14 -8.71 -10.37 -13.91
C LEU A 14 -7.34 -10.45 -13.28
N SER A 15 -6.34 -10.87 -14.03
CA SER A 15 -4.98 -10.93 -13.51
C SER A 15 -4.26 -9.65 -13.89
N TRP A 16 -3.26 -9.28 -13.10
CA TRP A 16 -2.37 -8.18 -13.43
C TRP A 16 -0.98 -8.49 -12.90
N LYS A 17 0.00 -7.67 -13.30
CA LYS A 17 1.41 -7.95 -13.00
C LYS A 17 1.99 -6.88 -12.10
N LYS A 18 2.60 -7.32 -11.01
CA LYS A 18 3.35 -6.44 -10.14
C LYS A 18 4.82 -6.64 -10.42
N CYS A 19 5.48 -5.58 -10.90
CA CYS A 19 6.84 -5.70 -11.38
C CYS A 19 7.82 -5.09 -10.40
N THR A 20 9.08 -5.53 -10.49
CA THR A 20 10.11 -5.05 -9.60
C THR A 20 11.35 -4.73 -10.42
N ALA A 21 12.34 -4.11 -9.78
CA ALA A 21 13.57 -3.67 -10.43
C ALA A 21 14.17 -4.71 -11.37
N GLY A 22 14.49 -4.29 -12.59
CA GLY A 22 15.04 -5.20 -13.60
C GLY A 22 14.02 -5.87 -14.51
N GLY A 23 12.73 -5.67 -14.26
CA GLY A 23 11.69 -6.29 -15.10
C GLY A 23 11.18 -7.65 -14.67
N GLN A 24 11.49 -8.07 -13.45
CA GLN A 24 10.83 -9.23 -12.87
C GLN A 24 9.38 -8.86 -12.56
N CYS A 25 8.44 -9.71 -12.98
CA CYS A 25 7.04 -9.49 -12.64
C CYS A 25 6.39 -10.74 -12.07
N GLN A 26 5.45 -10.52 -11.16
CA GLN A 26 4.64 -11.58 -10.59
C GLN A 26 3.21 -11.30 -11.00
N THR A 27 2.51 -12.36 -11.38
CA THR A 27 1.12 -12.26 -11.78
C THR A 27 0.22 -12.35 -10.54
N VAL A 28 -0.66 -11.37 -10.39
CA VAL A 28 -1.60 -11.30 -9.27
C VAL A 28 -2.96 -11.70 -9.81
N GLN A 29 -3.62 -12.63 -9.13
CA GLN A 29 -4.93 -13.05 -9.56
C GLN A 29 -5.91 -12.12 -8.87
N ALA A 30 -6.73 -11.41 -9.65
CA ALA A 30 -7.60 -10.42 -9.02
C ALA A 30 -8.94 -10.44 -9.69
N SER A 31 -9.64 -9.31 -9.67
CA SER A 31 -10.97 -9.26 -10.17
C SER A 31 -11.44 -7.82 -10.25
N ILE A 32 -12.62 -7.63 -10.81
CA ILE A 32 -13.23 -6.33 -11.02
CA ILE A 32 -13.20 -6.30 -10.94
C ILE A 32 -14.61 -6.25 -10.36
N THR A 33 -15.06 -5.05 -9.98
CA THR A 33 -16.44 -4.89 -9.55
C THR A 33 -17.10 -3.72 -10.28
N LEU A 34 -18.39 -3.84 -10.50
CA LEU A 34 -19.21 -2.77 -11.08
C LEU A 34 -19.52 -1.67 -10.07
N ASP A 35 -19.40 -0.42 -10.51
CA ASP A 35 -19.84 0.75 -9.73
C ASP A 35 -21.32 0.68 -9.27
N SER A 36 -21.59 1.14 -8.04
CA SER A 36 -22.92 1.02 -7.44
C SER A 36 -24.04 1.76 -8.17
N ASN A 37 -23.67 2.78 -8.96
CA ASN A 37 -24.67 3.56 -9.72
C ASN A 37 -25.41 2.71 -10.75
N TRP A 38 -24.76 1.67 -11.25
CA TRP A 38 -25.34 0.83 -12.28
C TRP A 38 -26.14 -0.35 -11.75
N ARG A 39 -26.08 -0.57 -10.44
CA ARG A 39 -26.70 -1.75 -9.86
C ARG A 39 -28.20 -1.59 -9.63
N TRP A 40 -28.87 -2.73 -9.53
CA TRP A 40 -30.25 -2.79 -9.07
C TRP A 40 -30.28 -2.26 -7.65
N THR A 41 -31.10 -1.24 -7.41
CA THR A 41 -31.28 -0.65 -6.08
C THR A 41 -32.71 -0.87 -5.62
N HIS A 42 -32.88 -1.66 -4.56
CA HIS A 42 -34.21 -2.01 -4.05
C HIS A 42 -34.29 -2.13 -2.52
N GLN A 43 -35.51 -2.22 -1.97
CA GLN A 43 -35.68 -2.38 -0.52
C GLN A 43 -35.04 -3.71 -0.10
N VAL A 44 -34.43 -3.70 1.07
CA VAL A 44 -33.81 -4.92 1.63
C VAL A 44 -34.82 -6.06 1.74
N SER A 45 -36.07 -5.74 2.04
CA SER A 45 -37.08 -6.77 2.22
C SER A 45 -37.70 -7.15 0.89
N GLY A 46 -37.91 -6.16 0.04
CA GLY A 46 -38.72 -6.38 -1.14
C GLY A 46 -37.87 -6.96 -2.24
N SER A 47 -38.27 -6.62 -3.44
CA SER A 47 -37.40 -6.50 -4.59
C SER A 47 -38.03 -5.23 -5.18
N THR A 48 -38.91 -4.66 -4.37
CA THR A 48 -39.51 -3.34 -4.59
C THR A 48 -38.39 -2.33 -4.71
N ASN A 49 -38.34 -1.67 -5.87
CA ASN A 49 -37.23 -0.81 -6.20
C ASN A 49 -37.24 0.49 -5.40
N CYS A 50 -36.06 0.97 -5.02
CA CYS A 50 -35.92 2.29 -4.43
C CYS A 50 -35.68 3.33 -5.53
N TYR A 51 -35.24 2.84 -6.67
CA TYR A 51 -34.90 3.69 -7.81
C TYR A 51 -35.27 2.94 -9.08
N THR A 52 -35.93 3.62 -10.00
CA THR A 52 -36.30 3.06 -11.29
C THR A 52 -36.24 4.15 -12.33
N GLY A 53 -35.66 3.84 -13.48
CA GLY A 53 -35.49 4.83 -14.55
C GLY A 53 -34.51 5.89 -14.09
N ASN A 54 -35.02 7.10 -13.86
CA ASN A 54 -34.20 8.21 -13.37
C ASN A 54 -34.82 8.89 -12.14
N LYS A 55 -35.64 8.13 -11.41
CA LYS A 55 -36.44 8.64 -10.30
C LYS A 55 -36.36 7.72 -9.08
N TRP A 56 -36.14 8.31 -7.91
CA TRP A 56 -36.28 7.59 -6.65
C TRP A 56 -37.77 7.39 -6.37
N ASP A 57 -38.11 6.25 -5.77
CA ASP A 57 -39.48 6.04 -5.26
C ASP A 57 -39.62 6.84 -3.96
N THR A 58 -40.22 8.01 -4.05
CA THR A 58 -40.29 8.93 -2.91
C THR A 58 -41.30 8.46 -1.84
N SER A 59 -42.20 7.55 -2.23
CA SER A 59 -43.04 6.86 -1.26
C SER A 59 -42.23 5.87 -0.40
N ILE A 60 -41.07 5.43 -0.91
CA ILE A 60 -40.15 4.57 -0.14
C ILE A 60 -39.01 5.38 0.49
N CYS A 61 -38.40 6.25 -0.30
CA CYS A 61 -37.25 7.01 0.13
C CYS A 61 -37.69 8.40 0.54
N THR A 62 -37.92 8.57 1.83
CA THR A 62 -38.49 9.77 2.41
C THR A 62 -37.41 10.72 2.93
N ASP A 63 -36.27 10.16 3.33
CA ASP A 63 -35.08 10.98 3.61
C ASP A 63 -33.80 10.27 3.24
N ALA A 64 -32.75 11.05 3.03
CA ALA A 64 -31.45 10.55 2.60
C ALA A 64 -30.91 9.42 3.46
N LYS A 65 -31.06 9.57 4.78
CA LYS A 65 -30.49 8.61 5.73
C LYS A 65 -31.24 7.28 5.76
N SER A 66 -32.55 7.34 5.99
CA SER A 66 -33.37 6.13 6.05
C SER A 66 -33.38 5.40 4.69
N CYS A 67 -33.43 6.13 3.58
CA CYS A 67 -33.30 5.51 2.25
C CYS A 67 -32.07 4.59 2.12
N ALA A 68 -30.88 5.07 2.50
CA ALA A 68 -29.67 4.22 2.46
C ALA A 68 -29.69 3.06 3.45
N GLN A 69 -30.38 3.23 4.58
CA GLN A 69 -30.44 2.19 5.60
C GLN A 69 -31.42 1.09 5.21
N ASN A 70 -32.43 1.48 4.42
CA ASN A 70 -33.53 0.58 4.05
C ASN A 70 -33.47 0.06 2.61
N CYS A 71 -32.56 0.61 1.82
CA CYS A 71 -32.36 0.17 0.44
C CYS A 71 -31.00 -0.46 0.28
N CYS A 72 -30.90 -1.41 -0.65
CA CYS A 72 -29.65 -2.08 -0.95
C CYS A 72 -29.35 -1.99 -2.42
N VAL A 73 -28.07 -2.17 -2.74
CA VAL A 73 -27.65 -2.49 -4.11
C VAL A 73 -27.42 -3.99 -4.12
N ASP A 74 -27.69 -4.61 -5.26
CA ASP A 74 -27.66 -6.07 -5.36
C ASP A 74 -26.56 -6.48 -6.33
N GLY A 75 -26.41 -7.79 -6.52
CA GLY A 75 -25.35 -8.29 -7.39
C GLY A 75 -25.61 -7.99 -8.86
N ALA A 76 -24.56 -8.13 -9.67
CA ALA A 76 -24.60 -7.73 -11.08
C ALA A 76 -24.45 -8.91 -12.02
N ASP A 77 -25.31 -8.98 -13.03
CA ASP A 77 -25.16 -9.93 -14.11
CA ASP A 77 -25.15 -9.94 -14.12
C ASP A 77 -24.21 -9.32 -15.17
N TYR A 78 -22.92 -9.48 -14.91
CA TYR A 78 -21.84 -8.84 -15.66
C TYR A 78 -21.93 -9.00 -17.18
N THR A 79 -22.04 -10.24 -17.64
CA THR A 79 -22.09 -10.49 -19.09
C THR A 79 -23.40 -10.07 -19.73
N SER A 80 -24.51 -10.61 -19.24
CA SER A 80 -25.79 -10.49 -19.94
CA SER A 80 -25.76 -10.47 -19.98
CA SER A 80 -25.78 -10.49 -19.94
C SER A 80 -26.45 -9.12 -19.77
N THR A 81 -26.25 -8.49 -18.62
CA THR A 81 -26.87 -7.17 -18.38
C THR A 81 -25.96 -6.05 -18.76
N TYR A 82 -24.68 -6.22 -18.45
CA TYR A 82 -23.77 -5.08 -18.51
C TYR A 82 -22.75 -5.10 -19.63
N GLY A 83 -22.63 -6.25 -20.29
CA GLY A 83 -21.65 -6.46 -21.36
C GLY A 83 -20.22 -6.31 -20.84
N ILE A 84 -20.00 -6.73 -19.60
CA ILE A 84 -18.66 -6.72 -18.99
C ILE A 84 -18.11 -8.15 -18.96
N THR A 85 -16.99 -8.37 -19.63
CA THR A 85 -16.40 -9.71 -19.73
C THR A 85 -14.89 -9.65 -19.55
N THR A 86 -14.32 -10.70 -18.96
CA THR A 86 -12.89 -10.84 -18.79
C THR A 86 -12.42 -12.14 -19.41
N ASN A 87 -11.14 -12.15 -19.80
CA ASN A 87 -10.49 -13.34 -20.31
C ASN A 87 -9.03 -13.21 -19.89
N GLY A 88 -8.65 -13.86 -18.80
CA GLY A 88 -7.27 -13.82 -18.31
C GLY A 88 -6.84 -12.44 -17.80
N ASP A 89 -5.99 -11.75 -18.57
CA ASP A 89 -5.51 -10.41 -18.19
C ASP A 89 -6.27 -9.30 -18.91
N SER A 90 -7.42 -9.66 -19.50
CA SER A 90 -8.14 -8.73 -20.36
CA SER A 90 -8.13 -8.74 -20.34
C SER A 90 -9.55 -8.45 -19.86
N LEU A 91 -9.92 -7.18 -19.93
CA LEU A 91 -11.27 -6.74 -19.54
C LEU A 91 -11.93 -6.04 -20.71
N SER A 92 -13.09 -6.53 -21.13
CA SER A 92 -13.86 -5.93 -22.21
C SER A 92 -15.13 -5.26 -21.68
N LEU A 93 -15.30 -3.97 -22.00
CA LEU A 93 -16.49 -3.19 -21.65
C LEU A 93 -17.28 -2.79 -22.89
N LYS A 94 -18.51 -3.31 -23.01
CA LYS A 94 -19.37 -2.95 -24.13
C LYS A 94 -20.20 -1.75 -23.74
N PHE A 95 -20.54 -0.95 -24.72
CA PHE A 95 -21.24 0.30 -24.51
C PHE A 95 -22.73 0.07 -24.19
N VAL A 96 -23.50 -0.39 -25.16
CA VAL A 96 -24.92 -0.66 -24.95
C VAL A 96 -25.19 -2.16 -24.91
N THR A 97 -25.92 -2.61 -23.89
CA THR A 97 -26.28 -4.02 -23.76
C THR A 97 -27.79 -4.12 -23.57
N LYS A 98 -28.48 -4.70 -24.56
CA LYS A 98 -29.92 -4.84 -24.51
C LYS A 98 -30.26 -6.22 -24.00
N GLY A 99 -31.08 -6.28 -22.96
CA GLY A 99 -31.61 -7.55 -22.46
C GLY A 99 -33.07 -7.74 -22.75
N GLN A 100 -33.69 -8.73 -22.13
CA GLN A 100 -35.11 -9.06 -22.35
C GLN A 100 -36.02 -7.89 -22.01
N HIS A 101 -35.72 -7.21 -20.91
CA HIS A 101 -36.60 -6.19 -20.38
C HIS A 101 -36.01 -4.77 -20.37
N SER A 102 -34.71 -4.64 -20.63
CA SER A 102 -34.05 -3.35 -20.45
CA SER A 102 -34.05 -3.35 -20.45
C SER A 102 -32.76 -3.26 -21.22
N THR A 103 -32.28 -2.02 -21.39
CA THR A 103 -31.07 -1.71 -22.10
C THR A 103 -30.17 -0.97 -21.12
N ASN A 104 -28.93 -1.44 -20.97
CA ASN A 104 -27.93 -0.77 -20.13
C ASN A 104 -26.98 0.05 -21.01
N VAL A 105 -26.64 1.26 -20.56
CA VAL A 105 -25.66 2.11 -21.25
C VAL A 105 -24.44 2.38 -20.37
N GLY A 106 -23.30 1.92 -20.84
CA GLY A 106 -22.02 2.23 -20.21
C GLY A 106 -21.76 1.38 -18.97
N SER A 107 -20.61 1.58 -18.36
CA SER A 107 -20.24 0.89 -17.13
C SER A 107 -19.03 1.60 -16.57
N ARG A 108 -18.85 1.46 -15.26
CA ARG A 108 -17.62 1.87 -14.60
C ARG A 108 -17.26 0.74 -13.65
N THR A 109 -15.99 0.34 -13.67
CA THR A 109 -15.53 -0.80 -12.87
C THR A 109 -14.27 -0.44 -12.06
N TYR A 110 -14.02 -1.23 -11.00
CA TYR A 110 -12.84 -1.04 -10.17
C TYR A 110 -12.05 -2.31 -10.01
N LEU A 111 -10.73 -2.19 -9.96
CA LEU A 111 -9.89 -3.38 -9.67
C LEU A 111 -9.96 -3.72 -8.18
N MET A 112 -10.17 -5.00 -7.86
CA MET A 112 -10.33 -5.46 -6.47
C MET A 112 -9.06 -6.11 -5.92
N ASP A 113 -8.99 -6.16 -4.58
CA ASP A 113 -7.99 -6.90 -3.87
C ASP A 113 -8.74 -7.73 -2.83
N GLY A 114 -9.18 -8.91 -3.23
CA GLY A 114 -10.09 -9.71 -2.40
C GLY A 114 -11.52 -9.27 -2.66
N GLU A 115 -12.44 -9.79 -1.86
CA GLU A 115 -13.84 -9.56 -2.13
C GLU A 115 -14.32 -8.19 -1.68
N ASP A 116 -13.64 -7.61 -0.69
CA ASP A 116 -14.21 -6.50 0.09
C ASP A 116 -13.42 -5.20 0.01
N LYS A 117 -12.35 -5.18 -0.77
CA LYS A 117 -11.51 -3.97 -0.86
C LYS A 117 -11.05 -3.75 -2.29
N TYR A 118 -10.89 -2.48 -2.64
CA TYR A 118 -10.26 -2.09 -3.92
C TYR A 118 -8.76 -2.32 -3.81
N GLN A 119 -8.12 -2.70 -4.93
CA GLN A 119 -6.65 -2.76 -4.98
C GLN A 119 -6.12 -1.34 -5.07
N THR A 120 -5.37 -0.90 -4.08
CA THR A 120 -4.84 0.45 -4.16
C THR A 120 -3.48 0.48 -4.84
N PHE A 121 -3.20 1.63 -5.42
CA PHE A 121 -1.96 1.88 -6.13
C PHE A 121 -1.42 3.18 -5.61
N GLU A 122 -0.12 3.17 -5.33
CA GLU A 122 0.60 4.36 -4.96
C GLU A 122 1.51 4.74 -6.13
N LEU A 123 1.08 5.73 -6.90
CA LEU A 123 1.65 5.98 -8.22
C LEU A 123 2.95 6.76 -8.17
N LEU A 124 3.13 7.60 -7.16
CA LEU A 124 4.30 8.49 -7.13
C LEU A 124 5.62 7.71 -7.11
N GLY A 125 6.51 8.05 -8.04
CA GLY A 125 7.78 7.36 -8.19
C GLY A 125 7.65 6.05 -8.95
N ASN A 126 6.44 5.70 -9.37
CA ASN A 126 6.24 4.43 -10.06
C ASN A 126 5.74 4.60 -11.50
N GLU A 127 5.52 3.47 -12.15
CA GLU A 127 5.15 3.41 -13.54
C GLU A 127 3.97 2.45 -13.70
N PHE A 128 2.90 2.92 -14.36
CA PHE A 128 1.72 2.14 -14.62
C PHE A 128 1.62 1.91 -16.13
N THR A 129 1.52 0.65 -16.54
CA THR A 129 1.46 0.29 -17.94
C THR A 129 0.31 -0.67 -18.24
N PHE A 130 -0.32 -0.49 -19.39
CA PHE A 130 -1.38 -1.38 -19.82
C PHE A 130 -1.48 -1.41 -21.34
N ASP A 131 -2.16 -2.42 -21.87
CA ASP A 131 -2.44 -2.46 -23.30
C ASP A 131 -3.90 -2.10 -23.46
N VAL A 132 -4.22 -1.49 -24.59
CA VAL A 132 -5.56 -1.05 -24.84
C VAL A 132 -5.91 -1.19 -26.31
N ASP A 133 -7.16 -1.58 -26.54
CA ASP A 133 -7.74 -1.58 -27.87
C ASP A 133 -8.93 -0.62 -27.87
N VAL A 134 -8.70 0.56 -28.47
CA VAL A 134 -9.74 1.58 -28.65
C VAL A 134 -10.29 1.61 -30.08
N SER A 135 -10.00 0.59 -30.88
CA SER A 135 -10.38 0.62 -32.31
C SER A 135 -11.90 0.74 -32.48
N ASN A 136 -12.65 0.18 -31.52
CA ASN A 136 -14.11 0.15 -31.59
CA ASN A 136 -14.11 0.19 -31.63
C ASN A 136 -14.82 1.17 -30.70
N ILE A 137 -14.11 2.23 -30.31
CA ILE A 137 -14.77 3.36 -29.65
C ILE A 137 -14.37 4.64 -30.39
N GLY A 138 -15.38 5.32 -30.93
CA GLY A 138 -15.13 6.44 -31.84
C GLY A 138 -15.54 7.75 -31.23
N CYS A 139 -15.74 8.77 -32.08
CA CYS A 139 -16.18 10.09 -31.63
C CYS A 139 -17.33 10.06 -30.65
N GLY A 140 -17.16 10.80 -29.56
CA GLY A 140 -18.24 10.99 -28.58
C GLY A 140 -18.26 9.99 -27.45
N LEU A 141 -17.35 9.01 -27.50
CA LEU A 141 -17.23 8.01 -26.46
C LEU A 141 -15.89 8.13 -25.76
N ASN A 142 -15.84 7.62 -24.54
CA ASN A 142 -14.62 7.63 -23.75
C ASN A 142 -14.45 6.25 -23.11
N GLY A 143 -13.37 5.57 -23.48
CA GLY A 143 -12.95 4.35 -22.79
C GLY A 143 -11.85 4.74 -21.83
N ALA A 144 -12.17 4.90 -20.56
CA ALA A 144 -11.24 5.56 -19.66
C ALA A 144 -10.59 4.59 -18.68
N LEU A 145 -9.29 4.81 -18.45
CA LEU A 145 -8.58 4.15 -17.37
C LEU A 145 -7.94 5.23 -16.54
N TYR A 146 -8.27 5.26 -15.25
CA TYR A 146 -7.81 6.38 -14.44
C TYR A 146 -7.80 6.04 -12.95
N PHE A 147 -7.21 6.92 -12.18
CA PHE A 147 -7.11 6.77 -10.75
C PHE A 147 -7.83 7.87 -9.98
N VAL A 148 -8.51 7.49 -8.91
CA VAL A 148 -9.12 8.46 -8.01
C VAL A 148 -8.81 8.09 -6.56
N SER A 149 -8.76 9.10 -5.71
CA SER A 149 -8.51 8.90 -4.29
C SER A 149 -9.79 8.49 -3.53
N MET A 150 -10.40 7.37 -3.98
CA MET A 150 -11.52 6.73 -3.28
C MET A 150 -10.96 6.00 -2.06
N ASP A 151 -11.82 5.74 -1.07
CA ASP A 151 -11.44 4.87 0.06
C ASP A 151 -11.34 3.44 -0.44
N ALA A 152 -10.35 2.70 0.04
CA ALA A 152 -10.16 1.30 -0.36
C ALA A 152 -11.34 0.40 -0.01
N ASP A 153 -12.10 0.78 1.02
CA ASP A 153 -13.30 0.01 1.37
C ASP A 153 -14.56 0.68 0.83
N GLY A 154 -14.39 1.65 -0.07
CA GLY A 154 -15.54 2.34 -0.65
C GLY A 154 -16.37 3.17 0.31
N GLY A 155 -15.82 3.47 1.49
CA GLY A 155 -16.50 4.31 2.47
C GLY A 155 -17.22 3.51 3.57
N LEU A 156 -16.98 2.21 3.60
CA LEU A 156 -17.66 1.30 4.53
C LEU A 156 -17.42 1.72 5.98
N SER A 157 -16.16 1.99 6.31
CA SER A 157 -15.84 2.33 7.71
C SER A 157 -16.12 3.79 8.10
N ARG A 158 -16.10 4.70 7.11
CA ARG A 158 -16.35 6.12 7.36
C ARG A 158 -17.82 6.43 7.58
N TYR A 159 -18.70 5.71 6.90
CA TYR A 159 -20.11 6.05 6.85
C TYR A 159 -20.96 4.87 7.33
N PRO A 160 -21.60 5.00 8.51
CA PRO A 160 -22.41 3.87 8.99
C PRO A 160 -23.61 3.48 8.10
N GLY A 161 -24.16 4.41 7.32
CA GLY A 161 -25.26 4.09 6.42
C GLY A 161 -24.83 3.30 5.18
N ASN A 162 -23.51 3.16 4.99
CA ASN A 162 -22.98 2.33 3.90
C ASN A 162 -22.54 0.97 4.43
N LYS A 163 -23.34 -0.07 4.13
CA LYS A 163 -22.94 -1.44 4.47
C LYS A 163 -22.52 -2.28 3.25
N ALA A 164 -22.61 -1.69 2.05
CA ALA A 164 -22.30 -2.37 0.82
C ALA A 164 -20.78 -2.33 0.55
N GLY A 165 -20.23 -1.13 0.51
CA GLY A 165 -18.77 -0.97 0.40
C GLY A 165 -18.21 -1.31 -0.96
N ALA A 166 -16.89 -1.48 -0.97
CA ALA A 166 -16.09 -1.75 -2.16
C ALA A 166 -16.56 -2.99 -2.94
N LYS A 167 -17.00 -4.03 -2.22
CA LYS A 167 -17.55 -5.23 -2.88
C LYS A 167 -18.63 -4.86 -3.90
N TYR A 168 -19.41 -3.82 -3.60
CA TYR A 168 -20.49 -3.37 -4.49
C TYR A 168 -20.18 -2.05 -5.20
N GLY A 169 -18.91 -1.66 -5.23
CA GLY A 169 -18.48 -0.50 -6.00
C GLY A 169 -19.05 0.83 -5.50
N THR A 170 -19.15 0.99 -4.18
CA THR A 170 -19.57 2.28 -3.61
C THR A 170 -18.39 3.23 -3.46
N GLY A 171 -18.68 4.50 -3.24
CA GLY A 171 -17.66 5.47 -2.84
C GLY A 171 -16.98 6.22 -3.96
N TYR A 172 -17.56 6.19 -5.14
CA TYR A 172 -16.96 6.89 -6.26
C TYR A 172 -16.84 8.39 -5.95
N CYS A 173 -15.79 8.99 -6.49
CA CYS A 173 -15.60 10.40 -6.44
C CYS A 173 -14.67 10.72 -7.60
N ASP A 174 -14.71 11.94 -8.08
CA ASP A 174 -13.63 12.40 -8.96
C ASP A 174 -13.55 13.92 -8.97
N ALA A 175 -12.68 14.45 -9.81
CA ALA A 175 -12.34 15.87 -9.70
C ALA A 175 -13.44 16.74 -10.30
N GLN A 176 -14.49 16.13 -10.83
CA GLN A 176 -15.66 16.87 -11.35
C GLN A 176 -16.73 17.02 -10.29
N CYS A 177 -16.49 16.44 -9.11
CA CYS A 177 -17.46 16.48 -8.01
C CYS A 177 -18.86 16.12 -8.52
N PRO A 178 -18.99 14.96 -9.19
CA PRO A 178 -20.26 14.63 -9.87
C PRO A 178 -21.43 14.51 -8.92
N ARG A 179 -22.58 15.02 -9.33
CA ARG A 179 -23.78 14.99 -8.50
C ARG A 179 -24.77 13.91 -8.95
N ASP A 180 -24.37 13.08 -9.91
CA ASP A 180 -25.24 12.03 -10.42
C ASP A 180 -25.12 10.72 -9.63
N ILE A 181 -24.19 10.70 -8.68
CA ILE A 181 -23.92 9.52 -7.87
C ILE A 181 -25.04 9.33 -6.84
N LYS A 182 -25.61 8.11 -6.81
CA LYS A 182 -26.81 7.85 -6.04
C LYS A 182 -26.63 7.71 -4.51
N PHE A 183 -25.49 7.18 -4.08
CA PHE A 183 -25.15 7.06 -2.68
C PHE A 183 -23.83 7.75 -2.45
N ILE A 184 -23.83 8.71 -1.53
CA ILE A 184 -22.62 9.48 -1.18
C ILE A 184 -22.63 9.60 0.33
N ASN A 185 -21.51 9.25 0.97
CA ASN A 185 -21.40 9.34 2.44
C ASN A 185 -22.41 8.47 3.20
N GLY A 186 -22.78 7.34 2.59
CA GLY A 186 -23.73 6.39 3.19
C GLY A 186 -25.16 6.91 3.31
N GLU A 187 -25.45 7.92 2.51
CA GLU A 187 -26.79 8.49 2.41
C GLU A 187 -27.20 8.53 0.96
N ALA A 188 -28.49 8.30 0.72
CA ALA A 188 -29.01 8.39 -0.62
C ALA A 188 -29.10 9.84 -1.03
N ASN A 189 -28.60 10.14 -2.23
CA ASN A 189 -28.54 11.50 -2.76
C ASN A 189 -29.90 11.93 -3.35
N ILE A 190 -30.96 11.79 -2.55
CA ILE A 190 -32.33 11.91 -3.04
C ILE A 190 -32.82 13.36 -3.06
N GLU A 191 -32.18 14.21 -2.25
CA GLU A 191 -32.70 15.57 -2.03
C GLU A 191 -32.61 16.40 -3.30
N GLY A 192 -33.78 16.91 -3.70
CA GLY A 192 -33.93 17.67 -4.94
C GLY A 192 -33.54 16.90 -6.17
N TRP A 193 -33.61 15.57 -6.10
CA TRP A 193 -33.15 14.75 -7.21
C TRP A 193 -33.90 15.13 -8.46
N THR A 194 -33.15 15.36 -9.52
CA THR A 194 -33.72 15.81 -10.78
C THR A 194 -33.39 14.81 -11.87
N GLY A 195 -34.41 14.19 -12.45
CA GLY A 195 -34.21 13.31 -13.59
C GLY A 195 -33.46 14.05 -14.68
N SER A 196 -32.56 13.35 -15.37
CA SER A 196 -31.81 13.95 -16.47
C SER A 196 -32.73 14.35 -17.61
N THR A 197 -32.39 15.45 -18.28
CA THR A 197 -33.18 15.93 -19.42
C THR A 197 -32.99 15.06 -20.65
N ASN A 198 -31.94 14.23 -20.65
CA ASN A 198 -31.57 13.44 -21.84
C ASN A 198 -31.15 11.99 -21.58
N ASP A 199 -30.90 11.66 -20.31
CA ASP A 199 -30.54 10.31 -19.90
C ASP A 199 -31.67 9.70 -19.06
N PRO A 200 -32.41 8.72 -19.62
CA PRO A 200 -33.56 8.13 -18.93
C PRO A 200 -33.17 7.28 -17.70
N ASN A 201 -31.86 7.10 -17.47
CA ASN A 201 -31.38 6.29 -16.34
C ASN A 201 -30.61 7.07 -15.28
N ALA A 202 -30.39 8.35 -15.53
CA ALA A 202 -29.60 9.20 -14.64
C ALA A 202 -30.38 10.42 -14.15
N GLY A 203 -29.92 11.00 -13.04
CA GLY A 203 -30.41 12.27 -12.54
C GLY A 203 -29.28 12.90 -11.74
N ALA A 204 -29.58 13.96 -11.01
CA ALA A 204 -28.58 14.64 -10.19
C ALA A 204 -29.21 15.07 -8.89
N GLY A 205 -28.44 14.97 -7.81
CA GLY A 205 -28.98 15.24 -6.50
C GLY A 205 -28.35 16.47 -5.88
N ARG A 206 -28.72 16.73 -4.63
CA ARG A 206 -28.26 17.89 -3.88
C ARG A 206 -26.73 17.90 -3.71
N TYR A 207 -26.15 16.72 -3.53
CA TYR A 207 -24.73 16.57 -3.19
C TYR A 207 -23.90 16.02 -4.33
N GLY A 208 -22.61 16.33 -4.30
CA GLY A 208 -21.63 15.82 -5.26
C GLY A 208 -20.53 15.15 -4.48
N THR A 209 -19.67 14.43 -5.18
CA THR A 209 -18.64 13.68 -4.49
C THR A 209 -17.28 13.89 -5.14
N CYS A 210 -16.38 14.54 -4.39
CA CYS A 210 -15.11 15.02 -4.91
C CYS A 210 -13.92 14.19 -4.44
N CYS A 211 -12.90 14.10 -5.29
CA CYS A 211 -11.55 13.68 -4.84
C CYS A 211 -10.53 13.83 -5.94
N SER A 212 -9.26 13.73 -5.54
CA SER A 212 -8.12 13.85 -6.47
C SER A 212 -8.26 12.82 -7.57
N GLU A 213 -7.88 13.18 -8.78
CA GLU A 213 -8.07 12.29 -9.90
C GLU A 213 -6.85 12.40 -10.80
N MET A 214 -6.23 11.28 -11.13
CA MET A 214 -5.19 11.22 -12.15
C MET A 214 -5.69 10.43 -13.36
N ASP A 215 -6.03 11.15 -14.40
CA ASP A 215 -6.58 10.55 -15.60
C ASP A 215 -5.45 10.08 -16.48
N ILE A 216 -5.07 8.83 -16.30
CA ILE A 216 -4.02 8.26 -17.12
C ILE A 216 -4.49 8.19 -18.57
N TRP A 217 -5.75 7.81 -18.77
CA TRP A 217 -6.22 7.51 -20.12
C TRP A 217 -7.67 7.91 -20.33
N GLU A 218 -7.90 9.05 -20.95
CA GLU A 218 -9.24 9.37 -21.40
C GLU A 218 -9.13 9.38 -22.89
N ALA A 219 -9.88 8.50 -23.54
CA ALA A 219 -9.58 8.23 -24.95
C ALA A 219 -10.68 7.59 -25.77
N ASN A 220 -10.57 7.81 -27.08
CA ASN A 220 -11.28 6.99 -28.08
C ASN A 220 -10.30 6.84 -29.26
N ASN A 221 -10.77 6.37 -30.42
CA ASN A 221 -9.86 6.12 -31.53
C ASN A 221 -9.43 7.41 -32.24
N MET A 222 -9.92 8.55 -31.78
CA MET A 222 -9.65 9.84 -32.41
C MET A 222 -8.76 10.76 -31.56
N ALA A 223 -8.81 10.58 -30.25
CA ALA A 223 -8.07 11.47 -29.34
C ALA A 223 -7.79 10.80 -28.00
N THR A 224 -6.71 11.22 -27.33
CA THR A 224 -6.45 10.75 -25.97
C THR A 224 -5.78 11.86 -25.17
N ALA A 225 -6.01 11.86 -23.86
CA ALA A 225 -5.42 12.87 -22.98
C ALA A 225 -5.05 12.22 -21.68
N PHE A 226 -3.92 12.66 -21.13
CA PHE A 226 -3.57 12.33 -19.77
C PHE A 226 -3.53 13.59 -18.92
N THR A 227 -4.20 13.53 -17.78
CA THR A 227 -4.55 14.77 -17.06
C THR A 227 -4.57 14.58 -15.55
N PRO A 228 -3.61 15.18 -14.83
CA PRO A 228 -3.74 15.30 -13.36
C PRO A 228 -4.73 16.37 -12.94
N HIS A 229 -5.58 16.05 -11.97
CA HIS A 229 -6.52 17.00 -11.38
C HIS A 229 -6.25 17.04 -9.87
N PRO A 230 -5.60 18.09 -9.39
CA PRO A 230 -5.46 18.28 -7.94
C PRO A 230 -6.75 18.72 -7.23
N CYS A 231 -6.85 18.36 -5.95
CA CYS A 231 -7.94 18.83 -5.08
C CYS A 231 -7.36 19.28 -3.76
N THR A 232 -7.90 20.38 -3.20
CA THR A 232 -7.41 20.88 -1.92
C THR A 232 -7.73 19.95 -0.78
N ILE A 233 -8.80 19.15 -0.91
CA ILE A 233 -9.04 17.99 -0.05
C ILE A 233 -8.67 16.76 -0.87
N ILE A 234 -7.67 16.01 -0.42
CA ILE A 234 -7.12 14.88 -1.22
C ILE A 234 -8.13 13.75 -1.51
N GLY A 235 -8.75 13.21 -0.47
CA GLY A 235 -9.62 12.02 -0.60
C GLY A 235 -11.09 12.38 -0.77
N GLN A 236 -11.98 11.39 -0.64
CA GLN A 236 -13.37 11.56 -0.94
C GLN A 236 -14.05 12.56 -0.01
N SER A 237 -14.70 13.55 -0.60
CA SER A 237 -15.44 14.56 0.16
C SER A 237 -16.78 14.81 -0.53
N ARG A 238 -17.77 15.19 0.25
CA ARG A 238 -19.09 15.55 -0.26
C ARG A 238 -19.21 17.06 -0.31
N CYS A 239 -19.80 17.55 -1.39
CA CYS A 239 -19.99 18.97 -1.60
C CYS A 239 -21.47 19.26 -1.79
N GLU A 240 -21.88 20.51 -1.58
CA GLU A 240 -23.30 20.82 -1.60
C GLU A 240 -23.68 21.65 -2.82
N GLY A 241 -24.57 21.11 -3.64
CA GLY A 241 -25.14 21.84 -4.79
C GLY A 241 -24.11 22.54 -5.65
N ASP A 242 -24.40 23.78 -6.02
CA ASP A 242 -23.50 24.54 -6.89
C ASP A 242 -22.14 24.90 -6.29
N SER A 243 -21.94 24.67 -4.99
CA SER A 243 -20.62 24.90 -4.43
CA SER A 243 -20.62 24.85 -4.36
C SER A 243 -19.65 23.80 -4.89
N CYS A 244 -20.20 22.73 -5.44
CA CYS A 244 -19.40 21.59 -5.91
C CYS A 244 -18.39 21.94 -6.99
N GLY A 245 -18.73 22.91 -7.85
CA GLY A 245 -17.99 23.19 -9.07
C GLY A 245 -18.11 22.01 -10.05
N GLY A 246 -17.36 22.03 -11.15
CA GLY A 246 -17.36 20.87 -12.06
C GLY A 246 -18.38 20.85 -13.20
N THR A 247 -19.21 21.88 -13.31
CA THR A 247 -20.06 22.03 -14.49
C THR A 247 -19.59 23.25 -15.28
N TYR A 248 -20.19 23.51 -16.43
CA TYR A 248 -19.82 24.68 -17.20
C TYR A 248 -20.82 25.77 -16.86
N SER A 249 -20.54 26.42 -15.74
CA SER A 249 -21.30 27.55 -15.23
C SER A 249 -20.28 28.49 -14.62
N ASN A 250 -20.75 29.64 -14.09
CA ASN A 250 -19.90 30.57 -13.33
C ASN A 250 -19.29 29.95 -12.08
N GLU A 251 -19.86 28.85 -11.61
CA GLU A 251 -19.40 28.22 -10.37
CA GLU A 251 -19.39 28.21 -10.37
C GLU A 251 -18.45 27.05 -10.64
N ARG A 252 -18.05 26.90 -11.91
CA ARG A 252 -17.14 25.80 -12.33
C ARG A 252 -15.91 25.55 -11.41
N TYR A 253 -15.28 26.62 -10.95
CA TYR A 253 -14.03 26.51 -10.16
C TYR A 253 -14.20 26.72 -8.67
N ALA A 254 -15.45 26.77 -8.22
CA ALA A 254 -15.77 27.09 -6.83
C ALA A 254 -15.50 25.96 -5.83
N GLY A 255 -15.49 24.72 -6.31
CA GLY A 255 -15.27 23.53 -5.46
C GLY A 255 -13.79 23.29 -5.15
N VAL A 256 -13.53 22.20 -4.41
CA VAL A 256 -12.20 21.89 -3.90
C VAL A 256 -11.26 21.31 -4.96
N CYS A 257 -11.82 20.84 -6.09
CA CYS A 257 -11.06 20.20 -7.17
C CYS A 257 -10.91 21.06 -8.41
N ASP A 258 -9.78 20.87 -9.12
CA ASP A 258 -9.60 21.46 -10.44
C ASP A 258 -10.29 20.56 -11.50
N PRO A 259 -11.45 21.02 -12.03
CA PRO A 259 -12.23 20.20 -12.95
C PRO A 259 -11.60 20.12 -14.36
N ASP A 260 -10.71 21.04 -14.70
CA ASP A 260 -10.06 21.04 -16.01
C ASP A 260 -8.80 20.18 -16.02
N GLY A 261 -8.02 20.27 -14.93
CA GLY A 261 -6.75 19.55 -14.84
C GLY A 261 -5.66 20.20 -15.70
N CYS A 262 -4.43 19.70 -15.60
CA CYS A 262 -3.41 20.08 -16.56
C CYS A 262 -3.24 18.91 -17.53
N ASP A 263 -3.78 19.09 -18.73
CA ASP A 263 -3.93 18.02 -19.71
C ASP A 263 -2.85 18.02 -20.78
N PHE A 264 -2.42 16.81 -21.15
CA PHE A 264 -1.60 16.61 -22.32
C PHE A 264 -2.38 15.73 -23.30
N ASN A 265 -2.90 16.39 -24.34
CA ASN A 265 -3.53 15.76 -25.48
C ASN A 265 -2.65 16.17 -26.65
N SER A 266 -2.00 15.20 -27.30
CA SER A 266 -1.00 15.52 -28.35
C SER A 266 -1.55 16.36 -29.49
N TYR A 267 -2.79 16.11 -29.86
CA TYR A 267 -3.50 16.88 -30.88
C TYR A 267 -3.67 18.33 -30.40
N ARG A 268 -4.23 18.50 -29.22
CA ARG A 268 -4.40 19.82 -28.63
C ARG A 268 -3.05 20.57 -28.47
N GLN A 269 -1.98 19.83 -28.21
CA GLN A 269 -0.65 20.42 -28.03
C GLN A 269 0.10 20.63 -29.33
N GLY A 270 -0.62 20.51 -30.44
CA GLY A 270 -0.09 20.84 -31.76
C GLY A 270 0.50 19.73 -32.63
N ASN A 271 0.17 18.48 -32.35
CA ASN A 271 0.62 17.39 -33.23
C ASN A 271 -0.59 16.59 -33.64
N LYS A 272 -1.24 17.03 -34.72
CA LYS A 272 -2.54 16.47 -35.11
C LYS A 272 -2.53 15.03 -35.61
N THR A 273 -1.38 14.51 -36.02
CA THR A 273 -1.29 13.17 -36.58
C THR A 273 -0.40 12.21 -35.77
N PHE A 274 -0.20 12.52 -34.49
CA PHE A 274 0.60 11.65 -33.64
C PHE A 274 -0.24 10.43 -33.23
N TYR A 275 -1.46 10.70 -32.82
CA TYR A 275 -2.36 9.69 -32.27
C TYR A 275 -3.69 9.73 -33.01
N GLY A 276 -4.15 8.56 -33.42
CA GLY A 276 -5.45 8.40 -34.04
C GLY A 276 -5.47 7.27 -35.06
N LYS A 277 -6.56 7.21 -35.81
CA LYS A 277 -6.75 6.16 -36.78
C LYS A 277 -5.80 6.41 -37.92
N GLY A 278 -4.93 5.42 -38.15
CA GLY A 278 -3.92 5.48 -39.18
C GLY A 278 -2.74 6.35 -38.82
N MET A 279 -2.63 6.76 -37.56
CA MET A 279 -1.54 7.68 -37.17
C MET A 279 -0.33 6.92 -36.63
N THR A 280 0.66 7.63 -36.12
CA THR A 280 1.88 6.99 -35.63
C THR A 280 1.58 6.06 -34.45
N VAL A 281 0.76 6.55 -33.53
CA VAL A 281 0.17 5.70 -32.51
C VAL A 281 -1.21 5.39 -33.09
N ASP A 282 -1.31 4.20 -33.68
CA ASP A 282 -2.44 3.83 -34.53
C ASP A 282 -3.51 3.14 -33.72
N THR A 283 -4.61 3.85 -33.53
CA THR A 283 -5.76 3.37 -32.76
C THR A 283 -6.55 2.26 -33.42
N THR A 284 -6.26 1.95 -34.66
CA THR A 284 -6.88 0.78 -35.27
C THR A 284 -6.23 -0.52 -34.80
N LYS A 285 -5.16 -0.42 -34.00
CA LYS A 285 -4.67 -1.65 -33.38
CA LYS A 285 -4.40 -1.57 -33.47
C LYS A 285 -4.21 -1.46 -31.94
N LYS A 286 -3.88 -2.57 -31.31
CA LYS A 286 -3.50 -2.59 -29.88
C LYS A 286 -2.34 -1.65 -29.57
N ILE A 287 -2.45 -0.91 -28.48
CA ILE A 287 -1.43 0.07 -28.07
C ILE A 287 -0.95 -0.30 -26.67
N THR A 288 0.35 -0.25 -26.43
CA THR A 288 0.88 -0.27 -25.05
C THR A 288 1.09 1.16 -24.59
N VAL A 289 0.53 1.49 -23.43
CA VAL A 289 0.54 2.86 -22.85
C VAL A 289 1.29 2.80 -21.52
N VAL A 290 2.42 3.48 -21.45
CA VAL A 290 3.30 3.55 -20.28
C VAL A 290 3.19 4.96 -19.69
N THR A 291 3.01 5.06 -18.36
CA THR A 291 2.93 6.35 -17.70
C THR A 291 3.80 6.31 -16.45
N GLN A 292 4.73 7.25 -16.39
CA GLN A 292 5.70 7.32 -15.30
C GLN A 292 5.45 8.57 -14.48
N PHE A 293 5.57 8.42 -13.16
CA PHE A 293 5.34 9.51 -12.22
C PHE A 293 6.63 9.84 -11.46
N LEU A 294 7.36 10.82 -11.98
CA LEU A 294 8.72 11.11 -11.48
C LEU A 294 8.71 12.07 -10.33
N LYS A 295 9.51 11.76 -9.31
CA LYS A 295 9.66 12.70 -8.19
C LYS A 295 10.71 13.76 -8.50
N ASP A 296 10.55 14.96 -7.93
CA ASP A 296 11.65 15.94 -7.92
C ASP A 296 12.60 15.75 -6.73
N ALA A 297 13.51 16.70 -6.53
CA ALA A 297 14.57 16.53 -5.53
C ALA A 297 14.03 16.54 -4.10
N ASN A 298 12.82 17.08 -3.95
CA ASN A 298 12.15 17.17 -2.66
C ASN A 298 11.20 15.99 -2.41
N GLY A 299 11.10 15.07 -3.36
CA GLY A 299 10.20 13.93 -3.25
C GLY A 299 8.78 14.23 -3.71
N ASP A 300 8.51 15.47 -4.13
CA ASP A 300 7.20 15.84 -4.67
C ASP A 300 7.06 15.35 -6.11
N LEU A 301 5.83 15.33 -6.63
CA LEU A 301 5.65 15.02 -8.06
C LEU A 301 6.25 16.11 -8.92
N GLY A 302 7.27 15.73 -9.69
CA GLY A 302 7.95 16.68 -10.56
C GLY A 302 7.59 16.57 -12.03
N GLU A 303 7.32 15.36 -12.51
CA GLU A 303 7.05 15.18 -13.92
C GLU A 303 6.20 13.95 -14.22
N ILE A 304 5.29 14.05 -15.19
CA ILE A 304 4.55 12.87 -15.64
C ILE A 304 4.92 12.59 -17.09
N LYS A 305 5.44 11.38 -17.36
CA LYS A 305 5.96 11.02 -18.68
C LYS A 305 5.11 9.93 -19.27
N ARG A 306 5.05 9.94 -20.60
CA ARG A 306 4.26 8.97 -21.37
C ARG A 306 5.12 8.37 -22.47
N PHE A 307 5.10 7.04 -22.62
CA PHE A 307 5.65 6.35 -23.77
C PHE A 307 4.61 5.39 -24.33
N TYR A 308 4.74 5.07 -25.60
CA TYR A 308 3.90 4.06 -26.23
C TYR A 308 4.78 2.95 -26.77
N VAL A 309 4.19 1.76 -26.86
CA VAL A 309 4.77 0.66 -27.63
C VAL A 309 3.71 0.12 -28.60
N GLN A 310 4.11 0.02 -29.87
CA GLN A 310 3.26 -0.56 -30.89
C GLN A 310 4.11 -1.35 -31.88
N ASP A 311 3.77 -2.62 -32.08
CA ASP A 311 4.56 -3.49 -32.97
C ASP A 311 6.04 -3.47 -32.59
N GLY A 312 6.31 -3.46 -31.29
CA GLY A 312 7.67 -3.49 -30.79
C GLY A 312 8.43 -2.17 -30.79
N LYS A 313 7.85 -1.12 -31.38
CA LYS A 313 8.55 0.16 -31.43
C LYS A 313 8.19 1.03 -30.21
N ILE A 314 9.20 1.49 -29.49
CA ILE A 314 8.98 2.38 -28.37
C ILE A 314 8.86 3.79 -28.96
N ILE A 315 7.73 4.43 -28.71
CA ILE A 315 7.39 5.76 -29.24
C ILE A 315 7.32 6.74 -28.06
N PRO A 316 8.28 7.69 -27.97
CA PRO A 316 8.16 8.68 -26.90
C PRO A 316 6.96 9.57 -27.17
N ASN A 317 6.46 10.21 -26.13
CA ASN A 317 5.36 11.12 -26.28
C ASN A 317 5.74 12.27 -27.20
N SER A 318 4.76 12.70 -27.99
CA SER A 318 4.85 13.87 -28.83
C SER A 318 5.25 15.09 -28.02
N GLU A 319 6.17 15.89 -28.55
CA GLU A 319 6.46 17.18 -27.94
C GLU A 319 5.31 18.13 -28.23
N SER A 320 5.05 19.04 -27.30
CA SER A 320 4.10 20.13 -27.53
C SER A 320 4.75 21.15 -28.48
N THR A 321 4.04 21.56 -29.52
CA THR A 321 4.55 22.56 -30.47
C THR A 321 3.92 23.94 -30.25
N ILE A 322 3.10 24.06 -29.21
CA ILE A 322 2.49 25.34 -28.86
C ILE A 322 3.62 26.28 -28.42
N PRO A 323 3.72 27.47 -29.06
CA PRO A 323 4.80 28.39 -28.67
C PRO A 323 4.81 28.73 -27.16
N GLY A 324 5.99 28.67 -26.56
CA GLY A 324 6.20 28.88 -25.14
C GLY A 324 5.79 27.70 -24.27
N VAL A 325 5.40 26.58 -24.89
CA VAL A 325 4.95 25.42 -24.11
C VAL A 325 5.75 24.22 -24.56
N GLU A 326 7.04 24.20 -24.23
CA GLU A 326 7.94 23.20 -24.79
C GLU A 326 7.98 21.94 -23.93
N GLY A 327 8.25 20.81 -24.56
CA GLY A 327 8.45 19.54 -23.86
C GLY A 327 7.34 18.55 -24.14
N ASN A 328 7.60 17.28 -23.87
CA ASN A 328 6.67 16.19 -24.20
C ASN A 328 6.14 15.52 -22.93
N SER A 329 6.18 16.25 -21.82
CA SER A 329 5.73 15.71 -20.53
C SER A 329 5.05 16.81 -19.72
N ILE A 330 4.40 16.43 -18.61
CA ILE A 330 3.69 17.40 -17.77
C ILE A 330 4.58 17.74 -16.57
N THR A 331 4.82 19.03 -16.39
CA THR A 331 5.58 19.54 -15.22
C THR A 331 4.83 20.79 -14.75
N GLN A 332 5.15 21.31 -13.56
CA GLN A 332 4.45 22.51 -13.11
C GLN A 332 4.61 23.67 -14.08
N ASP A 333 5.83 23.90 -14.54
CA ASP A 333 6.14 25.05 -15.40
C ASP A 333 5.43 24.89 -16.75
N TRP A 334 5.45 23.68 -17.29
CA TRP A 334 4.72 23.36 -18.52
C TRP A 334 3.24 23.73 -18.32
N CYS A 335 2.65 23.33 -17.19
CA CYS A 335 1.24 23.60 -16.95
C CYS A 335 0.97 25.10 -16.84
N ASP A 336 1.82 25.82 -16.11
CA ASP A 336 1.64 27.27 -15.96
C ASP A 336 1.60 27.91 -17.35
N ARG A 337 2.53 27.52 -18.20
CA ARG A 337 2.66 28.08 -19.54
C ARG A 337 1.56 27.68 -20.51
N GLN A 338 1.09 26.44 -20.37
CA GLN A 338 0.01 25.89 -21.19
C GLN A 338 -1.28 26.65 -20.92
N LYS A 339 -1.54 26.94 -19.65
CA LYS A 339 -2.78 27.66 -19.29
C LYS A 339 -2.80 29.07 -19.86
N VAL A 340 -1.69 29.77 -19.77
CA VAL A 340 -1.56 31.08 -20.40
C VAL A 340 -1.74 30.98 -21.92
N ALA A 341 -1.00 30.06 -22.55
CA ALA A 341 -1.05 29.90 -24.01
C ALA A 341 -2.42 29.55 -24.54
N PHE A 342 -3.22 28.83 -23.77
CA PHE A 342 -4.55 28.43 -24.18
C PHE A 342 -5.65 29.38 -23.69
N GLY A 343 -5.26 30.37 -22.89
CA GLY A 343 -6.20 31.36 -22.35
C GLY A 343 -7.11 30.77 -21.29
N ASP A 344 -6.70 29.64 -20.69
CA ASP A 344 -7.56 28.92 -19.72
C ASP A 344 -7.25 29.37 -18.30
N ILE A 345 -8.28 29.43 -17.46
CA ILE A 345 -8.10 29.78 -16.04
C ILE A 345 -7.14 28.77 -15.41
N ASP A 346 -6.10 29.24 -14.73
CA ASP A 346 -5.12 28.32 -14.11
C ASP A 346 -5.60 27.80 -12.76
N ASP A 347 -6.70 27.06 -12.77
CA ASP A 347 -7.25 26.47 -11.54
C ASP A 347 -6.35 25.32 -11.05
N PHE A 348 -5.58 24.74 -11.96
CA PHE A 348 -4.59 23.71 -11.59
C PHE A 348 -3.61 24.26 -10.52
N ASN A 349 -3.05 25.42 -10.79
CA ASN A 349 -2.15 26.10 -9.89
C ASN A 349 -2.87 26.53 -8.62
N ARG A 350 -4.07 27.10 -8.76
CA ARG A 350 -4.87 27.54 -7.61
C ARG A 350 -5.18 26.44 -6.62
N LYS A 351 -5.43 25.23 -7.13
CA LYS A 351 -5.77 24.07 -6.29
C LYS A 351 -4.52 23.24 -5.90
N GLY A 352 -3.32 23.80 -6.11
CA GLY A 352 -2.09 23.23 -5.56
C GLY A 352 -1.20 22.53 -6.56
N GLY A 353 -1.64 22.47 -7.81
CA GLY A 353 -0.84 21.98 -8.93
C GLY A 353 -0.19 20.62 -8.77
N MET A 354 0.99 20.48 -9.35
CA MET A 354 1.74 19.23 -9.34
C MET A 354 2.01 18.73 -7.91
N LYS A 355 2.34 19.64 -7.00
CA LYS A 355 2.67 19.20 -5.64
C LYS A 355 1.48 18.58 -4.95
N GLN A 356 0.33 19.22 -5.09
CA GLN A 356 -0.91 18.72 -4.45
C GLN A 356 -1.38 17.42 -5.10
N MET A 357 -1.24 17.34 -6.43
CA MET A 357 -1.51 16.08 -7.13
C MET A 357 -0.61 14.99 -6.55
N GLY A 358 0.67 15.29 -6.35
CA GLY A 358 1.62 14.30 -5.85
C GLY A 358 1.28 13.76 -4.46
N LYS A 359 0.65 14.60 -3.64
CA LYS A 359 0.14 14.21 -2.31
CA LYS A 359 0.25 14.13 -2.34
C LYS A 359 -0.87 13.07 -2.45
N ALA A 360 -1.69 13.14 -3.50
CA ALA A 360 -2.65 12.07 -3.76
C ALA A 360 -1.93 10.87 -4.35
N LEU A 361 -1.02 11.12 -5.30
CA LEU A 361 -0.21 10.03 -5.89
C LEU A 361 0.69 9.29 -4.89
N ALA A 362 1.06 9.96 -3.81
CA ALA A 362 1.88 9.35 -2.75
C ALA A 362 1.08 8.33 -1.91
N GLY A 363 -0.24 8.51 -1.88
CA GLY A 363 -1.15 7.67 -1.10
C GLY A 363 -1.93 6.71 -1.99
N PRO A 364 -2.89 5.98 -1.41
CA PRO A 364 -3.63 4.95 -2.14
C PRO A 364 -4.63 5.58 -3.12
N MET A 365 -4.60 5.11 -4.36
CA MET A 365 -5.62 5.47 -5.33
C MET A 365 -6.20 4.22 -5.93
N VAL A 366 -7.41 4.35 -6.45
CA VAL A 366 -8.21 3.23 -6.90
C VAL A 366 -8.26 3.28 -8.44
N LEU A 367 -8.05 2.11 -9.06
CA LEU A 367 -8.03 1.95 -10.51
C LEU A 367 -9.45 1.82 -11.02
N VAL A 368 -9.78 2.72 -11.93
CA VAL A 368 -11.11 2.79 -12.52
C VAL A 368 -11.01 2.51 -14.01
N MET A 369 -11.88 1.66 -14.52
CA MET A 369 -11.92 1.38 -15.95
C MET A 369 -13.38 1.49 -16.38
N SER A 370 -13.64 2.33 -17.38
CA SER A 370 -15.01 2.65 -17.73
C SER A 370 -15.22 2.85 -19.21
N ILE A 371 -16.48 2.76 -19.63
CA ILE A 371 -16.92 3.18 -20.96
C ILE A 371 -18.16 4.09 -20.80
N TRP A 372 -18.10 5.29 -21.37
CA TRP A 372 -19.16 6.27 -21.13
C TRP A 372 -19.31 7.28 -22.27
N ASP A 373 -20.53 7.79 -22.44
CA ASP A 373 -20.78 9.02 -23.20
C ASP A 373 -21.02 10.20 -22.27
N ASP A 374 -21.11 11.41 -22.84
CA ASP A 374 -21.04 12.66 -22.09
C ASP A 374 -22.29 13.49 -22.41
N HIS A 375 -23.28 13.45 -21.51
CA HIS A 375 -24.54 14.14 -21.75
C HIS A 375 -24.38 15.65 -21.59
N ALA A 376 -23.32 16.08 -20.90
CA ALA A 376 -23.11 17.50 -20.65
C ALA A 376 -22.42 18.22 -21.80
N SER A 377 -21.38 17.60 -22.35
N SER A 377 -21.35 17.61 -22.32
CA SER A 377 -20.56 18.27 -23.36
CA SER A 377 -20.53 18.27 -23.34
C SER A 377 -20.31 17.46 -24.63
C SER A 377 -20.19 17.39 -24.54
N ASN A 378 -20.90 16.27 -24.70
CA ASN A 378 -20.78 15.41 -25.89
C ASN A 378 -19.33 14.99 -26.22
N MET A 379 -18.47 14.97 -25.21
CA MET A 379 -17.08 14.57 -25.33
C MET A 379 -16.26 15.52 -26.23
N LEU A 380 -16.81 16.70 -26.55
CA LEU A 380 -16.10 17.60 -27.46
C LEU A 380 -14.78 18.09 -26.83
N TRP A 381 -14.75 18.20 -25.50
CA TRP A 381 -13.53 18.55 -24.75
C TRP A 381 -12.38 17.58 -25.01
N LEU A 382 -12.73 16.33 -25.32
CA LEU A 382 -11.73 15.30 -25.62
C LEU A 382 -11.31 15.29 -27.09
N ASP A 383 -12.28 15.26 -27.99
CA ASP A 383 -12.00 14.91 -29.38
C ASP A 383 -12.45 15.89 -30.46
N SER A 384 -12.84 17.11 -30.06
CA SER A 384 -13.40 18.06 -31.03
C SER A 384 -13.00 19.47 -30.64
N THR A 385 -13.78 20.45 -31.09
CA THR A 385 -13.56 21.85 -30.72
C THR A 385 -14.37 22.17 -29.46
N PHE A 386 -13.70 22.74 -28.47
CA PHE A 386 -14.33 23.03 -27.19
C PHE A 386 -13.68 24.22 -26.51
N PRO A 387 -14.49 25.12 -25.94
CA PRO A 387 -15.94 25.18 -26.15
C PRO A 387 -16.23 25.45 -27.63
N VAL A 388 -17.42 25.12 -28.09
CA VAL A 388 -17.69 25.23 -29.54
C VAL A 388 -17.46 26.65 -30.12
N ASP A 389 -17.74 27.68 -29.32
CA ASP A 389 -17.46 29.08 -29.69
C ASP A 389 -16.01 29.36 -30.10
N ALA A 390 -15.07 28.66 -29.49
CA ALA A 390 -13.66 29.10 -29.45
C ALA A 390 -12.78 28.70 -30.65
N ALA A 391 -13.41 28.21 -31.72
CA ALA A 391 -12.76 27.50 -32.84
C ALA A 391 -11.32 27.86 -33.28
N GLY A 392 -11.04 29.15 -33.42
CA GLY A 392 -9.83 29.58 -34.13
C GLY A 392 -8.60 29.97 -33.32
N LYS A 393 -8.25 29.18 -32.31
CA LYS A 393 -7.14 29.51 -31.41
C LYS A 393 -6.43 28.30 -30.81
N PRO A 394 -5.18 28.48 -30.34
CA PRO A 394 -4.49 27.42 -29.63
C PRO A 394 -5.34 26.89 -28.47
N GLY A 395 -5.47 25.57 -28.40
CA GLY A 395 -6.21 24.93 -27.33
C GLY A 395 -7.65 24.56 -27.65
N ALA A 396 -8.23 25.20 -28.67
CA ALA A 396 -9.63 24.99 -29.00
C ALA A 396 -9.89 23.58 -29.54
N GLU A 397 -9.09 23.16 -30.50
CA GLU A 397 -9.33 21.90 -31.23
C GLU A 397 -8.52 20.79 -30.58
N ARG A 398 -9.22 19.79 -30.03
CA ARG A 398 -8.58 18.71 -29.27
C ARG A 398 -8.56 17.40 -30.06
N GLY A 399 -9.33 17.33 -31.14
CA GLY A 399 -9.32 16.15 -32.01
C GLY A 399 -10.05 16.52 -33.30
N ALA A 400 -10.13 15.59 -34.22
CA ALA A 400 -10.71 15.84 -35.54
C ALA A 400 -12.19 15.51 -35.65
N CYS A 401 -12.82 15.16 -34.54
CA CYS A 401 -14.24 14.83 -34.57
C CYS A 401 -15.01 16.10 -34.87
N PRO A 402 -16.06 16.00 -35.68
CA PRO A 402 -16.85 17.19 -35.94
C PRO A 402 -17.69 17.57 -34.71
N THR A 403 -18.05 18.83 -34.60
CA THR A 403 -18.85 19.29 -33.46
C THR A 403 -20.30 18.75 -33.44
N THR A 404 -20.66 17.98 -34.47
CA THR A 404 -21.95 17.29 -34.53
C THR A 404 -21.96 16.01 -33.67
N SER A 405 -20.77 15.53 -33.31
CA SER A 405 -20.62 14.21 -32.71
C SER A 405 -20.91 14.20 -31.20
N GLY A 406 -21.11 13.00 -30.65
CA GLY A 406 -21.23 12.85 -29.19
C GLY A 406 -22.57 12.98 -28.52
N VAL A 407 -23.65 13.22 -29.26
CA VAL A 407 -24.97 13.27 -28.63
C VAL A 407 -25.36 11.86 -28.20
N PRO A 408 -25.53 11.63 -26.88
CA PRO A 408 -25.73 10.27 -26.36
C PRO A 408 -26.75 9.43 -27.15
N ALA A 409 -27.91 10.02 -27.46
CA ALA A 409 -28.96 9.28 -28.16
C ALA A 409 -28.50 8.81 -29.54
N GLU A 410 -27.73 9.64 -30.24
CA GLU A 410 -27.19 9.28 -31.56
C GLU A 410 -26.13 8.17 -31.48
N VAL A 411 -25.15 8.33 -30.60
CA VAL A 411 -24.07 7.35 -30.49
C VAL A 411 -24.57 6.00 -29.98
N GLU A 412 -25.53 6.03 -29.05
CA GLU A 412 -26.17 4.82 -28.57
C GLU A 412 -26.98 4.06 -29.65
N ALA A 413 -27.59 4.79 -30.58
CA ALA A 413 -28.35 4.17 -31.67
C ALA A 413 -27.44 3.70 -32.80
N GLU A 414 -26.42 4.49 -33.12
CA GLU A 414 -25.58 4.20 -34.28
C GLU A 414 -24.39 3.33 -33.97
N ALA A 415 -23.87 3.40 -32.74
CA ALA A 415 -22.75 2.52 -32.37
C ALA A 415 -22.94 1.79 -31.02
N PRO A 416 -24.07 1.07 -30.85
CA PRO A 416 -24.35 0.44 -29.56
C PRO A 416 -23.30 -0.59 -29.16
N ASN A 417 -22.69 -1.27 -30.14
CA ASN A 417 -21.76 -2.34 -29.81
C ASN A 417 -20.32 -1.89 -29.66
N SER A 418 -20.14 -0.57 -29.55
CA SER A 418 -18.84 0.02 -29.29
C SER A 418 -18.29 -0.65 -28.03
N ASN A 419 -16.97 -0.85 -28.00
CA ASN A 419 -16.36 -1.42 -26.81
C ASN A 419 -14.90 -0.99 -26.67
N VAL A 420 -14.38 -1.13 -25.46
CA VAL A 420 -12.96 -0.91 -25.20
C VAL A 420 -12.44 -2.15 -24.51
N VAL A 421 -11.19 -2.53 -24.83
CA VAL A 421 -10.55 -3.65 -24.15
C VAL A 421 -9.26 -3.18 -23.49
N PHE A 422 -9.23 -3.27 -22.15
CA PHE A 422 -8.02 -3.03 -21.37
C PHE A 422 -7.38 -4.38 -21.05
N SER A 423 -6.06 -4.50 -21.21
CA SER A 423 -5.39 -5.78 -20.95
C SER A 423 -3.96 -5.61 -20.44
N ASN A 424 -3.40 -6.70 -19.89
CA ASN A 424 -1.98 -6.75 -19.55
C ASN A 424 -1.51 -5.55 -18.71
N ILE A 425 -2.22 -5.31 -17.60
CA ILE A 425 -1.77 -4.31 -16.62
C ILE A 425 -0.45 -4.72 -15.98
N ARG A 426 0.52 -3.82 -15.97
CA ARG A 426 1.80 -4.03 -15.30
C ARG A 426 2.09 -2.77 -14.49
N PHE A 427 2.52 -2.95 -13.24
CA PHE A 427 2.80 -1.81 -12.36
C PHE A 427 4.01 -2.11 -11.52
N GLY A 428 4.87 -1.10 -11.37
CA GLY A 428 6.10 -1.23 -10.59
C GLY A 428 6.95 0.02 -10.64
N PRO A 429 8.18 -0.07 -10.14
CA PRO A 429 9.06 1.07 -10.19
C PRO A 429 9.32 1.50 -11.62
N ILE A 430 9.72 2.76 -11.78
CA ILE A 430 10.11 3.29 -13.10
C ILE A 430 11.18 2.39 -13.73
N GLY A 431 10.96 2.02 -14.99
CA GLY A 431 11.85 1.14 -15.73
C GLY A 431 11.60 -0.36 -15.60
N SER A 432 10.58 -0.76 -14.85
CA SER A 432 10.34 -2.18 -14.57
C SER A 432 9.28 -2.88 -15.44
N THR A 433 8.43 -2.10 -16.10
CA THR A 433 7.23 -2.68 -16.72
C THR A 433 7.36 -3.09 -18.19
N VAL A 434 8.35 -2.52 -18.88
CA VAL A 434 8.50 -2.70 -20.33
C VAL A 434 10.00 -2.71 -20.68
N ALA A 435 10.41 -3.67 -21.50
CA ALA A 435 11.78 -3.73 -22.02
C ALA A 435 12.08 -2.58 -22.98
N GLY A 436 13.34 -2.15 -23.01
CA GLY A 436 13.78 -1.08 -23.92
C GLY A 436 13.44 0.28 -23.36
N LEU A 437 13.00 0.27 -22.11
CA LEU A 437 12.57 1.47 -21.41
C LEU A 437 13.14 1.43 -20.01
N GLN B 2 33.60 -2.47 3.86
CA GLN B 2 33.47 -1.57 2.72
C GLN B 2 32.19 -1.86 1.93
N ALA B 3 31.88 -1.02 0.95
CA ALA B 3 30.71 -1.23 0.12
C ALA B 3 31.15 -1.45 -1.31
N CYS B 4 30.58 -2.46 -1.97
CA CYS B 4 30.85 -2.73 -3.39
C CYS B 4 29.59 -2.63 -4.21
N SER B 5 29.76 -2.57 -5.54
CA SER B 5 28.63 -2.46 -6.44
C SER B 5 28.70 -3.37 -7.67
N LEU B 6 29.16 -4.61 -7.48
CA LEU B 6 28.94 -5.63 -8.51
C LEU B 6 27.45 -5.83 -8.77
N THR B 7 26.65 -5.59 -7.74
CA THR B 7 25.20 -5.54 -7.88
C THR B 7 24.75 -4.15 -7.44
N THR B 8 24.08 -3.42 -8.33
CA THR B 8 23.60 -2.07 -7.96
C THR B 8 22.61 -2.14 -6.78
N GLU B 9 22.79 -1.25 -5.81
CA GLU B 9 21.88 -1.17 -4.66
C GLU B 9 20.79 -0.15 -4.92
N ARG B 10 19.55 -0.61 -4.94
CA ARG B 10 18.40 0.31 -5.00
C ARG B 10 17.34 -0.13 -3.98
N HIS B 11 17.17 0.67 -2.93
CA HIS B 11 16.18 0.41 -1.87
C HIS B 11 14.75 0.36 -2.42
N PRO B 12 14.04 -0.76 -2.21
CA PRO B 12 12.64 -0.87 -2.64
C PRO B 12 11.83 0.23 -1.96
N SER B 13 10.91 0.85 -2.68
CA SER B 13 10.16 1.95 -2.08
C SER B 13 9.12 1.41 -1.12
N LEU B 14 8.86 2.16 -0.05
CA LEU B 14 7.81 1.78 0.89
C LEU B 14 7.37 3.05 1.60
N SER B 15 6.07 3.24 1.76
CA SER B 15 5.60 4.46 2.36
C SER B 15 5.08 4.17 3.75
N TRP B 16 4.98 5.21 4.56
CA TRP B 16 4.30 5.11 5.82
C TRP B 16 3.53 6.39 6.02
N LYS B 17 2.67 6.41 7.03
CA LYS B 17 1.82 7.54 7.30
C LYS B 17 2.11 8.16 8.65
N LYS B 18 2.13 9.48 8.63
CA LYS B 18 2.27 10.26 9.85
C LYS B 18 0.87 10.82 10.16
N CYS B 19 0.38 10.56 11.37
CA CYS B 19 -0.99 10.90 11.74
C CYS B 19 -1.04 12.01 12.77
N THR B 20 -2.16 12.71 12.82
CA THR B 20 -2.29 13.83 13.73
C THR B 20 -3.45 13.68 14.70
N ALA B 21 -4.63 13.33 14.18
CA ALA B 21 -5.82 13.11 15.02
C ALA B 21 -6.87 12.38 14.22
N GLY B 22 -7.66 11.56 14.92
CA GLY B 22 -8.84 10.90 14.32
C GLY B 22 -8.61 10.07 13.07
N GLY B 23 -7.41 9.50 12.97
CA GLY B 23 -7.09 8.67 11.82
C GLY B 23 -6.76 9.47 10.59
N GLN B 24 -6.53 10.78 10.75
CA GLN B 24 -6.17 11.65 9.62
C GLN B 24 -4.66 11.67 9.49
N CYS B 25 -4.19 11.22 8.33
CA CYS B 25 -2.78 11.05 8.14
C CYS B 25 -2.32 11.58 6.81
N GLN B 26 -1.01 11.68 6.68
CA GLN B 26 -0.33 12.12 5.48
C GLN B 26 0.71 11.05 5.14
N THR B 27 0.79 10.64 3.88
CA THR B 27 1.80 9.65 3.47
C THR B 27 3.23 10.23 3.43
N VAL B 28 4.19 9.49 3.97
CA VAL B 28 5.60 9.75 3.81
C VAL B 28 6.15 8.63 2.94
N GLN B 29 6.66 9.00 1.77
CA GLN B 29 7.28 8.01 0.89
C GLN B 29 8.71 7.73 1.35
N ALA B 30 9.01 6.45 1.57
CA ALA B 30 10.34 6.09 2.05
C ALA B 30 10.80 4.83 1.32
N SER B 31 11.61 4.03 1.98
CA SER B 31 12.15 2.86 1.34
C SER B 31 12.73 1.97 2.43
N ILE B 32 13.18 0.78 2.03
CA ILE B 32 13.78 -0.15 2.97
C ILE B 32 15.13 -0.62 2.48
N THR B 33 15.98 -1.04 3.41
CA THR B 33 17.23 -1.70 3.06
C THR B 33 17.40 -3.08 3.69
N LEU B 34 18.14 -3.94 3.01
CA LEU B 34 18.51 -5.26 3.55
C LEU B 34 19.64 -5.19 4.59
N ASP B 35 19.46 -5.91 5.70
CA ASP B 35 20.53 -6.03 6.70
C ASP B 35 21.82 -6.63 6.08
N SER B 36 22.98 -6.11 6.49
CA SER B 36 24.26 -6.44 5.90
C SER B 36 24.63 -7.91 6.01
N ASN B 37 24.13 -8.59 7.03
CA ASN B 37 24.41 -10.02 7.19
C ASN B 37 23.94 -10.87 6.04
N TRP B 38 22.93 -10.40 5.32
CA TRP B 38 22.38 -11.18 4.24
C TRP B 38 23.06 -10.92 2.91
N ARG B 39 23.87 -9.87 2.85
CA ARG B 39 24.44 -9.40 1.60
C ARG B 39 25.64 -10.21 1.15
N TRP B 40 25.79 -10.29 -0.18
CA TRP B 40 26.99 -10.86 -0.78
C TRP B 40 28.15 -10.09 -0.17
N THR B 41 29.02 -10.82 0.52
CA THR B 41 30.18 -10.22 1.18
C THR B 41 31.39 -10.84 0.53
N HIS B 42 32.21 -10.00 -0.09
CA HIS B 42 33.31 -10.50 -0.88
C HIS B 42 34.52 -9.58 -0.81
N GLN B 43 35.63 -10.12 -1.30
CA GLN B 43 36.86 -9.35 -1.46
C GLN B 43 36.59 -8.05 -2.22
N VAL B 44 37.17 -6.95 -1.74
CA VAL B 44 36.93 -5.63 -2.33
C VAL B 44 37.27 -5.59 -3.82
N SER B 45 38.15 -6.47 -4.26
CA SER B 45 38.63 -6.45 -5.64
C SER B 45 38.01 -7.49 -6.56
N GLY B 46 37.45 -8.54 -5.99
CA GLY B 46 36.99 -9.68 -6.77
C GLY B 46 35.65 -10.22 -6.30
N SER B 47 35.30 -11.41 -6.77
CA SER B 47 34.02 -12.03 -6.45
CA SER B 47 34.02 -12.02 -6.43
C SER B 47 34.14 -13.14 -5.38
N THR B 48 35.34 -13.33 -4.86
CA THR B 48 35.56 -14.41 -3.87
C THR B 48 34.93 -14.07 -2.50
N ASN B 49 34.17 -15.01 -1.95
CA ASN B 49 33.53 -14.87 -0.62
C ASN B 49 34.52 -14.62 0.52
N CYS B 50 34.19 -13.70 1.41
CA CYS B 50 35.04 -13.44 2.57
C CYS B 50 34.90 -14.49 3.66
N TYR B 51 33.73 -15.14 3.70
CA TYR B 51 33.48 -16.23 4.64
C TYR B 51 32.58 -17.28 4.01
N THR B 52 32.77 -18.51 4.41
CA THR B 52 31.90 -19.61 3.98
C THR B 52 31.50 -20.35 5.24
N GLY B 53 30.21 -20.61 5.35
CA GLY B 53 29.58 -20.96 6.61
C GLY B 53 29.75 -19.79 7.55
N ASN B 54 30.49 -20.03 8.63
CA ASN B 54 30.91 -19.02 9.57
C ASN B 54 32.43 -19.04 9.70
N LYS B 55 33.11 -19.28 8.59
CA LYS B 55 34.57 -19.25 8.60
C LYS B 55 35.11 -18.24 7.59
N TRP B 56 35.90 -17.28 8.08
CA TRP B 56 36.54 -16.28 7.25
C TRP B 56 37.65 -16.96 6.47
N ASP B 57 37.87 -16.49 5.24
CA ASP B 57 38.91 -17.04 4.38
C ASP B 57 40.21 -16.36 4.75
N THR B 58 41.07 -17.08 5.48
CA THR B 58 42.37 -16.54 5.94
C THR B 58 43.35 -16.20 4.81
N SER B 59 43.06 -16.64 3.58
CA SER B 59 43.85 -16.21 2.43
C SER B 59 43.51 -14.77 2.04
N ILE B 60 42.35 -14.29 2.49
CA ILE B 60 41.89 -12.93 2.17
C ILE B 60 42.17 -11.97 3.33
N CYS B 61 41.88 -12.41 4.55
CA CYS B 61 42.10 -11.57 5.72
C CYS B 61 42.23 -12.43 6.98
N THR B 62 42.83 -11.87 8.03
CA THR B 62 43.20 -12.68 9.20
C THR B 62 42.69 -12.14 10.54
N ASP B 63 42.16 -10.93 10.56
CA ASP B 63 41.72 -10.37 11.84
C ASP B 63 40.63 -9.34 11.64
N ALA B 64 40.17 -8.76 12.76
CA ALA B 64 38.99 -7.91 12.76
C ALA B 64 39.13 -6.70 11.84
N LYS B 65 40.26 -6.00 11.96
CA LYS B 65 40.48 -4.81 11.14
C LYS B 65 40.78 -5.15 9.69
N SER B 66 41.55 -6.21 9.45
CA SER B 66 41.91 -6.55 8.06
C SER B 66 40.69 -6.99 7.26
N CYS B 67 39.83 -7.78 7.88
CA CYS B 67 38.66 -8.29 7.18
C CYS B 67 37.69 -7.14 6.85
N ALA B 68 37.59 -6.17 7.75
CA ALA B 68 36.72 -5.02 7.51
C ALA B 68 37.27 -4.12 6.40
N GLN B 69 38.60 -4.00 6.33
CA GLN B 69 39.28 -3.30 5.21
C GLN B 69 39.22 -4.05 3.88
N ASN B 70 39.41 -5.38 3.92
CA ASN B 70 39.56 -6.18 2.69
C ASN B 70 38.25 -6.76 2.11
N CYS B 71 37.15 -6.60 2.84
CA CYS B 71 35.86 -7.19 2.45
C CYS B 71 34.81 -6.13 2.31
N CYS B 72 33.88 -6.35 1.40
CA CYS B 72 32.81 -5.41 1.22
C CYS B 72 31.49 -6.15 1.14
N VAL B 73 30.43 -5.49 1.60
CA VAL B 73 29.08 -5.94 1.32
C VAL B 73 28.60 -5.32 0.01
N ASP B 74 27.78 -6.05 -0.74
CA ASP B 74 27.39 -5.58 -2.07
C ASP B 74 25.90 -5.28 -2.11
N GLY B 75 25.42 -4.83 -3.27
CA GLY B 75 23.98 -4.63 -3.52
C GLY B 75 23.14 -5.90 -3.43
N ALA B 76 21.83 -5.72 -3.26
CA ALA B 76 20.95 -6.84 -3.09
C ALA B 76 19.93 -6.92 -4.21
N ASP B 77 19.78 -8.12 -4.80
CA ASP B 77 18.64 -8.40 -5.68
C ASP B 77 17.44 -8.78 -4.79
N TYR B 78 16.73 -7.76 -4.30
CA TYR B 78 15.67 -7.91 -3.28
C TYR B 78 14.67 -8.99 -3.61
N THR B 79 14.11 -8.97 -4.83
CA THR B 79 13.06 -9.92 -5.16
C THR B 79 13.61 -11.31 -5.45
N SER B 80 14.52 -11.39 -6.42
CA SER B 80 14.97 -12.70 -6.91
C SER B 80 15.87 -13.44 -5.95
N THR B 81 16.69 -12.72 -5.19
CA THR B 81 17.54 -13.41 -4.23
C THR B 81 16.91 -13.57 -2.85
N TYR B 82 16.18 -12.54 -2.41
CA TYR B 82 15.75 -12.46 -0.99
C TYR B 82 14.24 -12.62 -0.74
N GLY B 83 13.43 -12.61 -1.80
CA GLY B 83 12.00 -12.75 -1.64
C GLY B 83 11.34 -11.53 -1.01
N ILE B 84 11.99 -10.37 -1.15
CA ILE B 84 11.47 -9.13 -0.55
C ILE B 84 10.80 -8.29 -1.63
N THR B 85 9.53 -7.97 -1.47
CA THR B 85 8.80 -7.20 -2.47
C THR B 85 7.99 -6.11 -1.78
N THR B 86 7.91 -4.95 -2.41
CA THR B 86 7.11 -3.88 -1.86
C THR B 86 6.10 -3.45 -2.90
N ASN B 87 4.95 -2.98 -2.43
CA ASN B 87 3.95 -2.38 -3.31
C ASN B 87 3.24 -1.23 -2.59
N GLY B 88 3.76 -0.01 -2.79
CA GLY B 88 3.17 1.16 -2.15
C GLY B 88 3.43 1.15 -0.65
N ASP B 89 2.39 0.93 0.15
CA ASP B 89 2.53 0.87 1.62
C ASP B 89 2.74 -0.55 2.15
N SER B 90 2.88 -1.52 1.24
N SER B 90 2.90 -1.52 1.24
CA SER B 90 2.99 -2.95 1.61
CA SER B 90 2.93 -2.95 1.62
C SER B 90 4.38 -3.49 1.45
C SER B 90 4.31 -3.57 1.41
N LEU B 91 4.81 -4.28 2.44
CA LEU B 91 6.08 -4.99 2.36
C LEU B 91 5.80 -6.48 2.56
N SER B 92 6.21 -7.30 1.59
CA SER B 92 6.07 -8.76 1.71
CA SER B 92 6.07 -8.75 1.70
C SER B 92 7.45 -9.39 1.83
N LEU B 93 7.61 -10.24 2.85
CA LEU B 93 8.84 -10.96 3.13
C LEU B 93 8.55 -12.47 3.06
N LYS B 94 9.07 -13.12 2.03
CA LYS B 94 8.96 -14.55 1.84
C LYS B 94 10.07 -15.24 2.63
N PHE B 95 9.75 -16.39 3.24
CA PHE B 95 10.71 -17.08 4.10
C PHE B 95 11.97 -17.60 3.38
N VAL B 96 11.78 -18.49 2.40
CA VAL B 96 12.89 -19.07 1.69
C VAL B 96 12.81 -18.70 0.20
N THR B 97 13.93 -18.26 -0.35
CA THR B 97 14.04 -17.91 -1.76
C THR B 97 15.20 -18.70 -2.37
N LYS B 98 14.85 -19.61 -3.27
CA LYS B 98 15.82 -20.47 -3.91
C LYS B 98 16.18 -19.95 -5.28
N GLY B 99 17.46 -20.02 -5.59
CA GLY B 99 17.91 -19.81 -6.94
C GLY B 99 18.45 -21.13 -7.40
N GLN B 100 19.01 -21.11 -8.60
CA GLN B 100 19.57 -22.27 -9.21
C GLN B 100 20.76 -22.81 -8.40
N HIS B 101 21.51 -21.90 -7.78
CA HIS B 101 22.79 -22.25 -7.17
C HIS B 101 22.92 -21.93 -5.70
N SER B 102 21.88 -21.33 -5.13
N SER B 102 21.89 -21.29 -5.13
CA SER B 102 21.90 -20.97 -3.72
CA SER B 102 21.92 -20.84 -3.73
C SER B 102 20.49 -20.86 -3.18
C SER B 102 20.53 -20.63 -3.14
N THR B 103 20.36 -21.01 -1.87
CA THR B 103 19.08 -20.84 -1.18
C THR B 103 19.21 -19.73 -0.11
N ASN B 104 18.34 -18.74 -0.16
CA ASN B 104 18.32 -17.73 0.89
C ASN B 104 17.26 -18.06 1.93
N VAL B 105 17.64 -17.93 3.20
CA VAL B 105 16.70 -18.21 4.28
C VAL B 105 16.49 -16.94 5.10
N GLY B 106 15.24 -16.49 5.14
CA GLY B 106 14.85 -15.35 5.96
C GLY B 106 15.30 -14.02 5.38
N SER B 107 14.95 -12.95 6.09
CA SER B 107 15.40 -11.59 5.79
C SER B 107 15.16 -10.68 6.99
N ARG B 108 15.93 -9.60 7.05
CA ARG B 108 15.71 -8.52 8.01
C ARG B 108 15.91 -7.20 7.28
N THR B 109 14.96 -6.29 7.43
CA THR B 109 15.00 -5.02 6.70
C THR B 109 14.75 -3.85 7.64
N TYR B 110 15.21 -2.67 7.22
CA TYR B 110 15.05 -1.43 7.98
C TYR B 110 14.39 -0.33 7.15
N LEU B 111 13.57 0.49 7.80
CA LEU B 111 12.96 1.61 7.11
C LEU B 111 13.98 2.75 7.00
N MET B 112 14.09 3.29 5.79
CA MET B 112 15.08 4.30 5.47
C MET B 112 14.45 5.68 5.43
N ASP B 113 15.32 6.68 5.53
CA ASP B 113 15.00 8.10 5.45
C ASP B 113 16.00 8.68 4.44
N GLY B 114 15.69 8.56 3.16
CA GLY B 114 16.74 8.78 2.15
C GLY B 114 17.72 7.63 2.02
N GLU B 115 18.77 7.83 1.24
CA GLU B 115 19.69 6.75 0.87
C GLU B 115 20.61 6.28 1.98
N ASP B 116 20.96 7.19 2.89
CA ASP B 116 22.13 7.00 3.76
C ASP B 116 21.84 6.91 5.26
N LYS B 117 20.58 6.99 5.65
CA LYS B 117 20.22 6.82 7.07
C LYS B 117 18.87 6.15 7.22
N TYR B 118 18.69 5.54 8.38
CA TYR B 118 17.44 4.90 8.74
C TYR B 118 16.46 5.97 9.18
N GLN B 119 15.17 5.70 9.01
CA GLN B 119 14.14 6.58 9.53
C GLN B 119 14.05 6.31 11.02
N THR B 120 14.21 7.32 11.85
CA THR B 120 14.02 7.07 13.29
C THR B 120 12.67 7.49 13.80
N PHE B 121 12.27 6.84 14.90
CA PHE B 121 11.00 7.10 15.56
C PHE B 121 11.26 7.26 17.04
N GLU B 122 10.65 8.28 17.59
CA GLU B 122 10.64 8.50 19.04
CA GLU B 122 10.65 8.45 19.03
C GLU B 122 9.28 8.04 19.52
N LEU B 123 9.23 6.87 20.16
CA LEU B 123 7.99 6.19 20.46
C LEU B 123 7.25 6.64 21.73
N LEU B 124 8.00 7.16 22.70
CA LEU B 124 7.39 7.52 23.97
C LEU B 124 6.29 8.59 23.83
N GLY B 125 5.09 8.29 24.35
CA GLY B 125 3.96 9.21 24.24
C GLY B 125 3.21 9.08 22.92
N ASN B 126 3.74 8.24 22.02
CA ASN B 126 3.13 8.05 20.71
C ASN B 126 2.53 6.67 20.51
N GLU B 127 1.84 6.50 19.38
CA GLU B 127 1.35 5.17 19.07
C GLU B 127 1.81 4.76 17.68
N PHE B 128 2.03 3.47 17.53
CA PHE B 128 2.50 2.92 16.26
C PHE B 128 1.51 1.84 15.85
N THR B 129 1.05 1.92 14.61
CA THR B 129 -0.03 1.08 14.11
C THR B 129 0.33 0.53 12.73
N PHE B 130 -0.01 -0.74 12.50
CA PHE B 130 0.18 -1.31 11.18
C PHE B 130 -0.87 -2.36 10.92
N ASP B 131 -1.05 -2.67 9.63
CA ASP B 131 -1.83 -3.82 9.21
C ASP B 131 -0.86 -4.95 8.94
N VAL B 132 -1.33 -6.15 9.25
CA VAL B 132 -0.53 -7.34 8.98
C VAL B 132 -1.43 -8.47 8.49
N ASP B 133 -0.89 -9.24 7.54
CA ASP B 133 -1.48 -10.49 7.10
C ASP B 133 -0.52 -11.60 7.52
N VAL B 134 -0.90 -12.34 8.56
CA VAL B 134 -0.10 -13.48 9.02
C VAL B 134 -0.67 -14.80 8.54
N SER B 135 -1.67 -14.76 7.64
CA SER B 135 -2.36 -16.00 7.24
C SER B 135 -1.40 -17.08 6.68
N ASN B 136 -0.33 -16.63 6.00
CA ASN B 136 0.62 -17.53 5.37
C ASN B 136 1.97 -17.70 6.11
N ILE B 137 1.95 -17.46 7.41
CA ILE B 137 3.13 -17.75 8.25
C ILE B 137 2.66 -18.52 9.49
N GLY B 138 3.10 -19.77 9.60
CA GLY B 138 2.65 -20.68 10.66
C GLY B 138 3.68 -21.05 11.72
N CYS B 139 3.42 -22.15 12.41
CA CYS B 139 4.26 -22.66 13.49
C CYS B 139 5.75 -22.64 13.16
N GLY B 140 6.56 -22.17 14.10
CA GLY B 140 8.01 -22.18 13.94
C GLY B 140 8.62 -21.01 13.19
N LEU B 141 7.79 -20.10 12.68
CA LEU B 141 8.28 -18.91 11.95
C LEU B 141 7.86 -17.65 12.70
N ASN B 142 8.59 -16.56 12.48
CA ASN B 142 8.34 -15.32 13.22
C ASN B 142 8.41 -14.20 12.20
N GLY B 143 7.27 -13.53 11.99
CA GLY B 143 7.22 -12.32 11.17
C GLY B 143 7.22 -11.20 12.18
N ALA B 144 8.33 -10.46 12.23
CA ALA B 144 8.56 -9.55 13.34
C ALA B 144 8.64 -8.12 12.85
N LEU B 145 8.00 -7.24 13.61
CA LEU B 145 8.10 -5.81 13.40
C LEU B 145 8.49 -5.25 14.76
N TYR B 146 9.61 -4.53 14.78
CA TYR B 146 10.11 -4.09 16.08
C TYR B 146 11.09 -2.96 15.93
N PHE B 147 11.47 -2.40 17.09
CA PHE B 147 12.35 -1.25 17.16
C PHE B 147 13.57 -1.55 17.96
N VAL B 148 14.72 -1.05 17.50
CA VAL B 148 15.97 -1.16 18.21
C VAL B 148 16.73 0.17 18.20
N SER B 149 17.52 0.41 19.24
CA SER B 149 18.32 1.61 19.36
C SER B 149 19.63 1.52 18.56
N MET B 150 19.49 1.26 17.26
CA MET B 150 20.61 1.33 16.31
C MET B 150 20.94 2.80 16.04
N ASP B 151 22.16 3.07 15.58
CA ASP B 151 22.52 4.39 15.07
C ASP B 151 21.77 4.68 13.75
N ALA B 152 21.30 5.91 13.56
CA ALA B 152 20.57 6.23 12.34
C ALA B 152 21.42 6.03 11.09
N ASP B 153 22.75 6.16 11.21
CA ASP B 153 23.60 5.94 10.04
C ASP B 153 24.22 4.53 10.02
N GLY B 154 23.72 3.66 10.90
CA GLY B 154 24.22 2.29 11.00
C GLY B 154 25.66 2.15 11.49
N GLY B 155 26.18 3.21 12.10
CA GLY B 155 27.54 3.22 12.65
C GLY B 155 28.59 3.81 11.72
N LEU B 156 28.15 4.41 10.60
CA LEU B 156 29.05 4.94 9.59
C LEU B 156 30.00 5.96 10.19
N SER B 157 29.47 6.93 10.94
CA SER B 157 30.32 7.97 11.51
C SER B 157 30.96 7.58 12.86
N ARG B 158 30.37 6.62 13.56
CA ARG B 158 30.92 6.15 14.83
C ARG B 158 32.20 5.33 14.65
N TYR B 159 32.27 4.53 13.59
CA TYR B 159 33.35 3.55 13.42
C TYR B 159 34.07 3.76 12.11
N PRO B 160 35.34 4.15 12.18
CA PRO B 160 36.19 4.34 11.01
C PRO B 160 36.16 3.14 10.06
N GLY B 161 36.11 1.93 10.60
CA GLY B 161 36.16 0.72 9.78
C GLY B 161 34.88 0.42 9.00
N ASN B 162 33.79 1.11 9.35
CA ASN B 162 32.50 0.92 8.66
C ASN B 162 32.41 1.96 7.57
N LYS B 163 32.53 1.54 6.32
CA LYS B 163 32.44 2.49 5.22
C LYS B 163 31.22 2.21 4.36
N ALA B 164 30.27 1.45 4.91
CA ALA B 164 29.09 1.03 4.15
C ALA B 164 27.83 1.70 4.70
N GLY B 165 27.66 1.64 6.01
CA GLY B 165 26.59 2.36 6.70
C GLY B 165 25.18 1.84 6.51
N ALA B 166 24.22 2.66 6.90
CA ALA B 166 22.80 2.33 6.82
C ALA B 166 22.35 2.01 5.40
N LYS B 167 23.01 2.60 4.41
CA LYS B 167 22.67 2.29 3.02
C LYS B 167 22.71 0.78 2.77
N TYR B 168 23.69 0.13 3.38
CA TYR B 168 23.90 -1.32 3.25
C TYR B 168 23.44 -2.09 4.50
N GLY B 169 22.62 -1.43 5.31
CA GLY B 169 22.01 -2.13 6.45
C GLY B 169 22.99 -2.61 7.51
N THR B 170 24.04 -1.84 7.75
CA THR B 170 24.97 -2.14 8.86
C THR B 170 24.45 -1.70 10.24
N GLY B 171 25.11 -2.19 11.28
CA GLY B 171 24.89 -1.72 12.63
C GLY B 171 23.78 -2.36 13.43
N TYR B 172 23.29 -3.51 12.99
CA TYR B 172 22.23 -4.19 13.76
C TYR B 172 22.67 -4.48 15.20
N CYS B 173 21.69 -4.45 16.10
CA CYS B 173 21.87 -4.84 17.49
C CYS B 173 20.48 -5.19 17.97
N ASP B 174 20.40 -5.98 19.03
CA ASP B 174 19.12 -6.18 19.72
C ASP B 174 19.42 -6.67 21.13
N ALA B 175 18.36 -6.98 21.88
CA ALA B 175 18.51 -7.26 23.30
C ALA B 175 18.95 -8.70 23.55
N GLN B 176 19.18 -9.45 22.48
CA GLN B 176 19.73 -10.80 22.65
CA GLN B 176 19.65 -10.84 22.48
C GLN B 176 21.16 -10.95 22.15
N CYS B 177 21.77 -9.82 21.83
CA CYS B 177 23.20 -9.72 21.50
C CYS B 177 23.71 -10.77 20.52
N PRO B 178 23.11 -10.83 19.32
CA PRO B 178 23.42 -11.92 18.40
C PRO B 178 24.89 -11.96 18.04
N ARG B 179 25.41 -13.16 17.83
CA ARG B 179 26.84 -13.27 17.54
C ARG B 179 27.13 -13.62 16.11
N ASP B 180 26.07 -13.89 15.34
CA ASP B 180 26.22 -14.26 13.95
C ASP B 180 26.44 -13.02 13.08
N ILE B 181 26.39 -11.83 13.67
CA ILE B 181 26.52 -10.56 12.92
C ILE B 181 27.97 -10.39 12.52
N LYS B 182 28.20 -10.36 11.21
CA LYS B 182 29.55 -10.49 10.64
CA LYS B 182 29.55 -10.48 10.61
C LYS B 182 30.41 -9.23 10.71
N PHE B 183 29.78 -8.07 10.81
CA PHE B 183 30.49 -6.80 11.04
C PHE B 183 29.83 -6.06 12.19
N ILE B 184 30.63 -5.73 13.21
CA ILE B 184 30.19 -4.97 14.38
C ILE B 184 31.28 -3.96 14.72
N ASN B 185 30.88 -2.73 15.02
CA ASN B 185 31.85 -1.67 15.39
C ASN B 185 32.86 -1.40 14.28
N GLY B 186 32.45 -1.59 13.03
CA GLY B 186 33.33 -1.42 11.87
C GLY B 186 34.45 -2.43 11.75
N GLU B 187 34.34 -3.54 12.49
CA GLU B 187 35.35 -4.61 12.49
C GLU B 187 34.65 -5.90 12.11
N ALA B 188 35.37 -6.80 11.45
CA ALA B 188 34.85 -8.13 11.20
C ALA B 188 34.69 -8.84 12.55
N ASN B 189 33.66 -9.68 12.64
CA ASN B 189 33.42 -10.49 13.83
C ASN B 189 34.17 -11.81 13.67
N ILE B 190 35.42 -11.80 14.14
CA ILE B 190 36.34 -12.89 13.85
C ILE B 190 37.20 -13.14 15.08
N GLU B 191 37.55 -14.41 15.31
CA GLU B 191 38.35 -14.74 16.48
C GLU B 191 39.74 -14.07 16.44
N GLY B 192 40.49 -14.31 15.37
CA GLY B 192 41.86 -13.78 15.22
C GLY B 192 42.90 -14.58 16.00
N ASN B 201 42.76 -18.34 14.37
CA ASN B 201 41.39 -18.86 14.26
C ASN B 201 40.57 -18.04 13.26
N ALA B 202 40.13 -18.70 12.20
CA ALA B 202 39.31 -18.09 11.14
C ALA B 202 37.81 -17.97 11.52
N GLY B 203 37.45 -18.45 12.70
CA GLY B 203 36.06 -18.60 13.06
C GLY B 203 35.39 -17.26 13.30
N ALA B 204 34.17 -17.12 12.80
CA ALA B 204 33.36 -15.94 13.10
C ALA B 204 32.71 -16.07 14.48
N GLY B 205 32.04 -15.01 14.94
CA GLY B 205 31.25 -15.12 16.15
C GLY B 205 31.97 -14.87 17.46
N ARG B 206 33.11 -14.19 17.42
CA ARG B 206 33.82 -13.84 18.63
C ARG B 206 32.98 -12.90 19.49
N TYR B 207 32.32 -11.96 18.82
CA TYR B 207 31.59 -10.90 19.51
C TYR B 207 30.10 -10.99 19.24
N GLY B 208 29.34 -10.15 19.93
CA GLY B 208 27.92 -9.98 19.65
C GLY B 208 27.58 -8.52 19.77
N THR B 209 26.35 -8.15 19.42
CA THR B 209 25.98 -6.74 19.34
C THR B 209 24.62 -6.47 20.00
N CYS B 210 24.65 -5.62 21.03
CA CYS B 210 23.56 -5.44 21.96
C CYS B 210 23.00 -4.04 21.82
N CYS B 211 21.69 -3.89 22.04
CA CYS B 211 21.03 -2.58 22.30
C CYS B 211 19.58 -2.79 22.72
N SER B 212 18.94 -1.72 23.20
CA SER B 212 17.55 -1.73 23.64
C SER B 212 16.64 -2.16 22.52
N GLU B 213 15.56 -2.86 22.86
CA GLU B 213 14.68 -3.41 21.84
C GLU B 213 13.25 -3.35 22.34
N MET B 214 12.34 -2.84 21.52
CA MET B 214 10.94 -2.87 21.85
C MET B 214 10.27 -3.73 20.79
N ASP B 215 9.88 -4.95 21.18
CA ASP B 215 9.25 -5.88 20.24
C ASP B 215 7.77 -5.61 20.18
N ILE B 216 7.39 -4.79 19.20
CA ILE B 216 5.98 -4.50 18.97
C ILE B 216 5.23 -5.76 18.49
N TRP B 217 5.89 -6.59 17.69
CA TRP B 217 5.20 -7.70 17.03
C TRP B 217 6.18 -8.82 16.73
N GLU B 218 5.99 -9.94 17.42
CA GLU B 218 6.65 -11.19 17.10
C GLU B 218 5.54 -12.22 17.01
N ALA B 219 5.38 -12.78 15.83
CA ALA B 219 4.09 -13.43 15.56
C ALA B 219 4.06 -14.34 14.38
N ASN B 220 3.12 -15.28 14.45
CA ASN B 220 2.68 -16.00 13.28
C ASN B 220 1.18 -16.18 13.44
N ASN B 221 0.58 -17.03 12.61
CA ASN B 221 -0.87 -17.23 12.64
C ASN B 221 -1.38 -17.98 13.88
N MET B 222 -0.46 -18.41 14.75
CA MET B 222 -0.80 -19.20 15.91
C MET B 222 -0.53 -18.46 17.22
N ALA B 223 0.34 -17.47 17.19
CA ALA B 223 0.69 -16.80 18.43
C ALA B 223 1.30 -15.46 18.12
N THR B 224 1.11 -14.51 19.04
CA THR B 224 1.81 -13.22 18.97
C THR B 224 2.20 -12.74 20.37
N ALA B 225 3.30 -11.99 20.43
CA ALA B 225 3.77 -11.37 21.68
C ALA B 225 4.29 -9.97 21.43
N PHE B 226 4.01 -9.05 22.37
CA PHE B 226 4.74 -7.78 22.44
C PHE B 226 5.56 -7.66 23.73
N THR B 227 6.79 -7.18 23.60
CA THR B 227 7.83 -7.35 24.62
C THR B 227 8.87 -6.22 24.64
N PRO B 228 8.83 -5.37 25.69
CA PRO B 228 9.94 -4.45 25.96
C PRO B 228 11.18 -5.16 26.51
N HIS B 229 12.36 -4.85 25.98
CA HIS B 229 13.65 -5.35 26.49
C HIS B 229 14.55 -4.15 26.85
N PRO B 230 14.68 -3.83 28.16
CA PRO B 230 15.58 -2.76 28.54
C PRO B 230 17.04 -3.23 28.51
N CYS B 231 17.94 -2.27 28.27
CA CYS B 231 19.37 -2.50 28.45
C CYS B 231 19.94 -1.35 29.27
N THR B 232 21.01 -1.64 30.00
CA THR B 232 21.68 -0.64 30.82
C THR B 232 22.56 0.26 29.97
N ILE B 233 23.11 -0.30 28.88
CA ILE B 233 23.72 0.49 27.80
C ILE B 233 22.63 0.58 26.71
N ILE B 234 22.10 1.76 26.49
CA ILE B 234 20.92 1.91 25.61
C ILE B 234 21.23 1.66 24.14
N GLY B 235 22.33 2.21 23.67
CA GLY B 235 22.63 2.16 22.24
C GLY B 235 23.41 0.93 21.84
N GLN B 236 23.80 0.84 20.58
CA GLN B 236 24.52 -0.33 20.10
C GLN B 236 25.87 -0.48 20.83
N SER B 237 26.10 -1.67 21.41
CA SER B 237 27.35 -1.95 22.09
C SER B 237 27.89 -3.29 21.61
N ARG B 238 29.19 -3.51 21.75
CA ARG B 238 29.75 -4.81 21.40
C ARG B 238 30.16 -5.61 22.64
N CYS B 239 29.64 -6.83 22.75
CA CYS B 239 29.95 -7.73 23.86
C CYS B 239 30.94 -8.80 23.36
N GLU B 240 31.66 -9.45 24.28
CA GLU B 240 32.61 -10.47 23.85
C GLU B 240 32.42 -11.84 24.52
N GLY B 241 32.40 -12.91 23.72
CA GLY B 241 32.40 -14.29 24.21
C GLY B 241 31.26 -14.63 25.16
N ASP B 242 31.60 -15.26 26.29
CA ASP B 242 30.57 -15.66 27.27
C ASP B 242 29.94 -14.51 28.07
N SER B 243 30.46 -13.29 27.95
CA SER B 243 29.78 -12.15 28.57
C SER B 243 28.68 -11.52 27.70
N CYS B 244 28.39 -12.12 26.55
CA CYS B 244 27.39 -11.57 25.66
C CYS B 244 25.94 -11.52 26.20
N GLY B 245 25.47 -12.67 26.64
CA GLY B 245 24.07 -12.81 27.07
C GLY B 245 23.15 -13.14 25.90
N GLY B 246 21.92 -13.53 26.18
CA GLY B 246 20.94 -13.71 25.12
C GLY B 246 20.66 -15.13 24.66
N THR B 247 21.52 -16.09 24.99
CA THR B 247 21.28 -17.48 24.58
C THR B 247 20.51 -18.24 25.66
N TYR B 248 19.90 -19.37 25.27
CA TYR B 248 19.27 -20.25 26.25
C TYR B 248 20.36 -21.11 26.85
N SER B 249 21.06 -20.54 27.83
CA SER B 249 22.24 -21.17 28.40
C SER B 249 22.51 -20.64 29.81
N ASN B 250 23.58 -21.15 30.41
CA ASN B 250 24.11 -20.64 31.66
C ASN B 250 24.52 -19.17 31.56
N GLU B 251 24.79 -18.72 30.33
CA GLU B 251 25.19 -17.33 30.07
C GLU B 251 24.02 -16.40 29.67
N ARG B 252 22.79 -16.89 29.71
CA ARG B 252 21.62 -16.12 29.25
C ARG B 252 21.59 -14.67 29.74
N TYR B 253 21.73 -14.46 31.05
CA TYR B 253 21.51 -13.14 31.68
C TYR B 253 22.80 -12.34 31.84
N ALA B 254 23.87 -12.78 31.18
CA ALA B 254 25.13 -12.03 31.15
C ALA B 254 24.95 -10.76 30.33
N GLY B 255 25.81 -9.77 30.53
CA GLY B 255 25.76 -8.58 29.67
C GLY B 255 24.68 -7.58 30.06
N VAL B 256 24.42 -6.64 29.16
CA VAL B 256 23.75 -5.39 29.54
C VAL B 256 22.25 -5.37 29.24
N CYS B 257 21.77 -6.37 28.48
CA CYS B 257 20.37 -6.40 28.05
C CYS B 257 19.54 -7.50 28.73
N ASP B 258 18.26 -7.22 28.91
CA ASP B 258 17.30 -8.23 29.37
C ASP B 258 16.85 -9.06 28.16
N PRO B 259 17.29 -10.35 28.06
CA PRO B 259 16.99 -11.13 26.88
C PRO B 259 15.57 -11.68 26.87
N ASP B 260 14.91 -11.68 28.02
CA ASP B 260 13.54 -12.19 28.10
C ASP B 260 12.52 -11.08 27.85
N GLY B 261 12.78 -9.93 28.45
CA GLY B 261 11.86 -8.80 28.34
C GLY B 261 10.64 -9.04 29.20
N CYS B 262 9.74 -8.07 29.26
CA CYS B 262 8.48 -8.29 29.93
C CYS B 262 7.45 -8.47 28.83
N ASP B 263 7.00 -9.70 28.61
CA ASP B 263 6.23 -10.06 27.39
C ASP B 263 4.72 -10.16 27.65
N PHE B 264 3.93 -9.76 26.66
CA PHE B 264 2.49 -10.03 26.70
C PHE B 264 2.06 -10.84 25.46
N ASN B 265 1.82 -12.11 25.72
CA ASN B 265 1.28 -13.05 24.74
C ASN B 265 -0.04 -13.51 25.33
N SER B 266 -1.14 -13.23 24.64
CA SER B 266 -2.50 -13.47 25.20
C SER B 266 -2.70 -14.93 25.63
N TYR B 267 -2.12 -15.84 24.84
CA TYR B 267 -2.21 -17.27 25.09
C TYR B 267 -1.39 -17.62 26.34
N ARG B 268 -0.13 -17.20 26.37
CA ARG B 268 0.68 -17.34 27.57
C ARG B 268 0.01 -16.74 28.79
N GLN B 269 -0.70 -15.61 28.62
CA GLN B 269 -1.42 -14.99 29.72
C GLN B 269 -2.81 -15.58 30.03
N GLY B 270 -3.10 -16.75 29.49
CA GLY B 270 -4.27 -17.53 29.91
C GLY B 270 -5.51 -17.48 29.03
N ASN B 271 -5.44 -16.82 27.89
CA ASN B 271 -6.57 -16.81 26.98
C ASN B 271 -6.21 -17.53 25.70
N LYS B 272 -6.72 -18.75 25.53
CA LYS B 272 -6.37 -19.56 24.36
C LYS B 272 -7.28 -19.41 23.15
N THR B 273 -8.30 -18.55 23.24
CA THR B 273 -9.24 -18.42 22.14
C THR B 273 -9.28 -16.98 21.62
N PHE B 274 -8.31 -16.16 22.03
CA PHE B 274 -8.27 -14.74 21.65
C PHE B 274 -7.62 -14.49 20.29
N TYR B 275 -6.43 -15.06 20.09
CA TYR B 275 -5.62 -14.78 18.89
C TYR B 275 -5.28 -16.08 18.19
N GLY B 276 -5.65 -16.17 16.91
CA GLY B 276 -5.45 -17.37 16.12
C GLY B 276 -6.48 -17.53 15.01
N LYS B 277 -6.49 -18.68 14.35
CA LYS B 277 -7.40 -18.90 13.22
C LYS B 277 -8.86 -18.99 13.68
N GLY B 278 -9.72 -18.14 13.12
CA GLY B 278 -11.14 -18.07 13.52
C GLY B 278 -11.40 -17.60 14.95
N MET B 279 -10.42 -16.96 15.55
N MET B 279 -10.37 -17.04 15.58
CA MET B 279 -10.61 -16.52 16.91
CA MET B 279 -10.47 -16.53 16.96
C MET B 279 -10.97 -15.04 16.94
C MET B 279 -11.00 -15.09 16.96
N THR B 280 -11.07 -14.48 18.14
CA THR B 280 -11.51 -13.08 18.32
C THR B 280 -10.74 -12.14 17.39
N VAL B 281 -9.42 -12.29 17.42
CA VAL B 281 -8.54 -11.69 16.42
C VAL B 281 -8.15 -12.85 15.50
N ASP B 282 -8.69 -12.83 14.29
CA ASP B 282 -8.69 -13.99 13.41
C ASP B 282 -7.53 -13.88 12.44
N THR B 283 -6.56 -14.79 12.57
CA THR B 283 -5.31 -14.72 11.83
C THR B 283 -5.44 -15.21 10.38
N THR B 284 -6.65 -15.59 9.97
CA THR B 284 -6.89 -15.89 8.54
C THR B 284 -7.18 -14.60 7.75
N LYS B 285 -7.44 -13.51 8.47
CA LYS B 285 -7.79 -12.25 7.86
C LYS B 285 -6.78 -11.18 8.26
N LYS B 286 -6.70 -10.10 7.50
CA LYS B 286 -5.84 -8.98 7.85
C LYS B 286 -6.18 -8.46 9.24
N ILE B 287 -5.15 -8.03 9.98
CA ILE B 287 -5.32 -7.52 11.33
C ILE B 287 -4.71 -6.11 11.40
N THR B 288 -5.44 -5.15 12.00
CA THR B 288 -4.83 -3.86 12.33
C THR B 288 -4.31 -3.95 13.77
N VAL B 289 -3.04 -3.60 13.97
CA VAL B 289 -2.35 -3.76 15.25
C VAL B 289 -1.93 -2.39 15.79
N VAL B 290 -2.53 -1.97 16.90
CA VAL B 290 -2.27 -0.67 17.52
C VAL B 290 -1.46 -0.83 18.80
N THR B 291 -0.37 -0.08 18.93
CA THR B 291 0.43 -0.15 20.13
C THR B 291 0.75 1.24 20.67
N GLN B 292 0.39 1.46 21.93
CA GLN B 292 0.44 2.81 22.50
C GLN B 292 1.47 2.83 23.63
N PHE B 293 2.34 3.85 23.64
CA PHE B 293 3.37 3.97 24.66
C PHE B 293 3.04 5.14 25.61
N LEU B 294 2.21 4.87 26.60
CA LEU B 294 1.65 5.92 27.48
C LEU B 294 2.65 6.35 28.54
N LYS B 295 2.64 7.66 28.80
CA LYS B 295 3.49 8.25 29.83
C LYS B 295 2.83 8.16 31.17
N ASP B 296 3.65 8.11 32.24
CA ASP B 296 3.14 8.27 33.59
C ASP B 296 3.09 9.77 33.98
N ALA B 297 2.75 10.08 35.24
CA ALA B 297 2.58 11.47 35.71
C ALA B 297 3.84 12.34 35.55
N ASN B 298 4.96 11.68 35.32
CA ASN B 298 6.27 12.34 35.24
C ASN B 298 6.81 12.39 33.81
N GLY B 299 6.08 11.78 32.88
CA GLY B 299 6.50 11.77 31.49
C GLY B 299 7.40 10.60 31.12
N ASP B 300 7.59 9.66 32.06
CA ASP B 300 8.32 8.40 31.81
C ASP B 300 7.35 7.36 31.24
N LEU B 301 7.87 6.24 30.76
CA LEU B 301 7.00 5.18 30.26
C LEU B 301 6.22 4.53 31.39
N GLY B 302 4.90 4.60 31.29
CA GLY B 302 4.06 4.01 32.33
C GLY B 302 3.30 2.76 31.92
N GLU B 303 2.90 2.67 30.65
CA GLU B 303 2.03 1.57 30.23
C GLU B 303 2.16 1.39 28.73
N ILE B 304 2.19 0.13 28.28
CA ILE B 304 2.11 -0.16 26.85
C ILE B 304 0.79 -0.86 26.64
N LYS B 305 -0.06 -0.27 25.79
CA LYS B 305 -1.36 -0.84 25.50
C LYS B 305 -1.45 -1.37 24.09
N ARG B 306 -2.35 -2.33 23.89
CA ARG B 306 -2.55 -2.93 22.58
C ARG B 306 -4.03 -2.92 22.26
N PHE B 307 -4.37 -2.51 21.03
CA PHE B 307 -5.70 -2.68 20.48
C PHE B 307 -5.61 -3.33 19.11
N TYR B 308 -6.67 -4.03 18.74
CA TYR B 308 -6.74 -4.62 17.42
C TYR B 308 -7.96 -4.02 16.73
N VAL B 309 -7.89 -3.92 15.40
CA VAL B 309 -9.09 -3.59 14.61
C VAL B 309 -9.22 -4.64 13.52
N GLN B 310 -10.38 -5.28 13.46
CA GLN B 310 -10.62 -6.25 12.41
C GLN B 310 -12.10 -6.24 12.04
N ASP B 311 -12.38 -6.25 10.73
CA ASP B 311 -13.75 -6.13 10.24
C ASP B 311 -14.45 -4.92 10.87
N GLY B 312 -13.74 -3.78 10.92
CA GLY B 312 -14.28 -2.52 11.44
C GLY B 312 -14.54 -2.49 12.95
N LYS B 313 -14.27 -3.60 13.63
CA LYS B 313 -14.46 -3.69 15.07
C LYS B 313 -13.16 -3.38 15.84
N ILE B 314 -13.24 -2.51 16.85
CA ILE B 314 -12.08 -2.22 17.72
C ILE B 314 -12.09 -3.26 18.83
N ILE B 315 -10.97 -3.95 18.99
CA ILE B 315 -10.85 -5.07 19.94
C ILE B 315 -9.78 -4.75 20.99
N PRO B 316 -10.18 -4.55 22.24
CA PRO B 316 -9.19 -4.33 23.32
C PRO B 316 -8.35 -5.57 23.54
N ASN B 317 -7.12 -5.41 24.00
CA ASN B 317 -6.30 -6.55 24.37
C ASN B 317 -7.01 -7.47 25.36
N SER B 318 -6.80 -8.78 25.22
CA SER B 318 -7.36 -9.72 26.16
C SER B 318 -6.83 -9.53 27.60
N GLU B 319 -7.68 -9.84 28.58
CA GLU B 319 -7.24 -9.85 29.99
C GLU B 319 -6.32 -11.02 30.26
N SER B 320 -5.25 -10.76 31.03
CA SER B 320 -4.45 -11.80 31.61
C SER B 320 -5.28 -12.46 32.70
N THR B 321 -5.43 -13.77 32.59
CA THR B 321 -6.24 -14.52 33.53
C THR B 321 -5.33 -15.34 34.47
N ILE B 322 -4.02 -15.18 34.38
CA ILE B 322 -3.08 -15.80 35.33
C ILE B 322 -3.34 -15.27 36.75
N PRO B 323 -3.59 -16.16 37.74
CA PRO B 323 -3.84 -15.62 39.08
C PRO B 323 -2.69 -14.74 39.55
N GLY B 324 -3.03 -13.56 40.05
CA GLY B 324 -2.04 -12.62 40.57
C GLY B 324 -1.53 -11.68 39.48
N VAL B 325 -1.92 -11.92 38.23
CA VAL B 325 -1.38 -11.14 37.09
C VAL B 325 -2.51 -10.51 36.28
N GLU B 326 -3.48 -9.89 36.95
CA GLU B 326 -4.60 -9.29 36.24
C GLU B 326 -4.12 -8.06 35.49
N GLY B 327 -4.85 -7.75 34.43
CA GLY B 327 -4.59 -6.59 33.60
C GLY B 327 -4.44 -7.00 32.15
N ASN B 328 -4.63 -6.03 31.25
CA ASN B 328 -4.55 -6.33 29.81
C ASN B 328 -3.45 -5.52 29.13
N SER B 329 -2.51 -5.02 29.91
CA SER B 329 -1.47 -4.16 29.37
C SER B 329 -0.18 -4.43 30.10
N ILE B 330 0.89 -3.81 29.63
CA ILE B 330 2.21 -3.93 30.25
C ILE B 330 2.48 -2.67 31.07
N THR B 331 2.68 -2.87 32.36
CA THR B 331 3.09 -1.82 33.30
C THR B 331 4.17 -2.40 34.20
N GLN B 332 4.90 -1.53 34.91
CA GLN B 332 5.94 -2.02 35.81
C GLN B 332 5.36 -3.01 36.84
N ASP B 333 4.24 -2.64 37.44
CA ASP B 333 3.62 -3.47 38.46
C ASP B 333 3.19 -4.82 37.87
N TRP B 334 2.61 -4.77 36.69
CA TRP B 334 2.13 -5.98 36.03
C TRP B 334 3.30 -6.92 35.73
N CYS B 335 4.42 -6.34 35.27
CA CYS B 335 5.66 -7.09 34.98
C CYS B 335 6.23 -7.75 36.24
N ASP B 336 6.30 -6.99 37.33
CA ASP B 336 6.72 -7.53 38.63
C ASP B 336 5.88 -8.75 39.00
N ARG B 337 4.57 -8.63 38.84
CA ARG B 337 3.63 -9.71 39.18
C ARG B 337 3.79 -10.89 38.24
N GLN B 338 4.05 -10.60 36.97
CA GLN B 338 4.14 -11.66 35.98
C GLN B 338 5.38 -12.54 36.18
N LYS B 339 6.51 -11.92 36.49
CA LYS B 339 7.74 -12.69 36.69
C LYS B 339 7.62 -13.60 37.90
N VAL B 340 7.04 -13.07 38.99
CA VAL B 340 6.81 -13.90 40.19
C VAL B 340 5.91 -15.07 39.79
N ALA B 341 4.78 -14.77 39.16
CA ALA B 341 3.81 -15.82 38.81
C ALA B 341 4.39 -16.95 37.96
N PHE B 342 5.22 -16.56 36.99
CA PHE B 342 5.80 -17.52 36.04
C PHE B 342 7.12 -18.12 36.54
N GLY B 343 7.64 -17.63 37.67
CA GLY B 343 8.88 -18.15 38.23
C GLY B 343 10.10 -17.80 37.39
N ASP B 344 10.00 -16.68 36.67
CA ASP B 344 11.08 -16.24 35.77
C ASP B 344 12.02 -15.25 36.45
N ILE B 345 13.33 -15.38 36.24
CA ILE B 345 14.31 -14.37 36.71
C ILE B 345 13.83 -12.99 36.25
N ASP B 346 13.73 -12.06 37.19
CA ASP B 346 13.28 -10.72 36.88
C ASP B 346 14.45 -9.86 36.40
N ASP B 347 15.09 -10.30 35.31
CA ASP B 347 16.14 -9.52 34.65
C ASP B 347 15.62 -8.19 34.08
N PHE B 348 14.32 -8.14 33.77
CA PHE B 348 13.63 -6.91 33.35
C PHE B 348 13.78 -5.82 34.41
N ASN B 349 13.50 -6.17 35.66
CA ASN B 349 13.67 -5.21 36.76
C ASN B 349 15.14 -4.87 37.00
N ARG B 350 15.98 -5.91 37.03
CA ARG B 350 17.41 -5.75 37.24
CA ARG B 350 17.42 -5.76 37.24
C ARG B 350 18.02 -4.73 36.27
N LYS B 351 17.54 -4.72 35.02
CA LYS B 351 18.16 -3.87 34.03
C LYS B 351 17.38 -2.57 33.75
N GLY B 352 16.52 -2.18 34.69
CA GLY B 352 15.88 -0.85 34.70
C GLY B 352 14.41 -0.81 34.35
N GLY B 353 13.84 -1.95 33.94
CA GLY B 353 12.39 -2.06 33.73
C GLY B 353 11.80 -1.08 32.71
N MET B 354 10.58 -0.64 33.00
CA MET B 354 9.80 0.23 32.12
C MET B 354 10.49 1.58 31.96
N LYS B 355 11.09 2.04 33.04
CA LYS B 355 11.75 3.33 33.02
C LYS B 355 12.92 3.28 32.05
N GLN B 356 13.75 2.23 32.16
CA GLN B 356 14.90 2.08 31.28
C GLN B 356 14.46 1.85 29.83
N MET B 357 13.39 1.08 29.62
CA MET B 357 12.84 0.92 28.27
C MET B 357 12.37 2.28 27.76
N GLY B 358 11.65 3.01 28.62
CA GLY B 358 11.20 4.37 28.36
C GLY B 358 12.28 5.33 27.87
N LYS B 359 13.47 5.22 28.44
CA LYS B 359 14.56 6.09 28.04
C LYS B 359 14.95 5.82 26.59
N ALA B 360 14.94 4.56 26.18
CA ALA B 360 15.25 4.23 24.78
C ALA B 360 14.15 4.75 23.87
N LEU B 361 12.91 4.58 24.31
CA LEU B 361 11.75 5.01 23.54
C LEU B 361 11.67 6.53 23.43
N ALA B 362 12.32 7.23 24.35
CA ALA B 362 12.38 8.71 24.34
C ALA B 362 13.34 9.21 23.27
N GLY B 363 14.26 8.36 22.86
CA GLY B 363 15.22 8.68 21.85
C GLY B 363 14.92 7.97 20.54
N PRO B 364 15.83 8.13 19.56
CA PRO B 364 15.62 7.59 18.23
C PRO B 364 15.75 6.07 18.24
N MET B 365 14.80 5.39 17.59
CA MET B 365 14.92 3.96 17.36
C MET B 365 14.60 3.65 15.91
N VAL B 366 15.15 2.56 15.41
CA VAL B 366 15.04 2.16 14.01
C VAL B 366 13.98 1.07 13.89
N LEU B 367 13.13 1.17 12.86
CA LEU B 367 12.10 0.17 12.56
C LEU B 367 12.68 -1.00 11.78
N VAL B 368 12.46 -2.20 12.33
CA VAL B 368 12.97 -3.43 11.76
C VAL B 368 11.81 -4.32 11.31
N MET B 369 11.85 -4.85 10.11
CA MET B 369 10.82 -5.83 9.71
C MET B 369 11.52 -7.06 9.17
N SER B 370 11.13 -8.22 9.68
CA SER B 370 11.90 -9.44 9.44
CA SER B 370 11.90 -9.45 9.47
C SER B 370 11.03 -10.70 9.37
N ILE B 371 11.57 -11.74 8.72
CA ILE B 371 10.94 -13.04 8.76
C ILE B 371 12.07 -14.02 9.05
N TRP B 372 11.92 -14.86 10.08
CA TRP B 372 13.04 -15.71 10.48
C TRP B 372 12.57 -17.01 11.13
N ASP B 373 13.45 -18.01 11.11
CA ASP B 373 13.31 -19.18 11.98
C ASP B 373 14.35 -19.14 13.09
N ASP B 374 14.21 -20.04 14.07
CA ASP B 374 14.90 -19.92 15.35
C ASP B 374 15.76 -21.15 15.56
N HIS B 375 17.05 -21.02 15.30
CA HIS B 375 17.97 -22.14 15.45
C HIS B 375 18.18 -22.50 16.93
N ALA B 376 18.14 -21.49 17.80
CA ALA B 376 18.33 -21.69 19.23
C ALA B 376 17.21 -22.52 19.88
N SER B 377 15.96 -22.08 19.70
CA SER B 377 14.87 -22.65 20.48
C SER B 377 13.60 -22.96 19.66
N ASN B 378 13.73 -22.96 18.35
CA ASN B 378 12.68 -23.44 17.43
C ASN B 378 11.34 -22.70 17.55
N MET B 379 11.41 -21.44 18.00
CA MET B 379 10.26 -20.55 18.15
C MET B 379 9.28 -21.08 19.20
N LEU B 380 9.69 -22.07 19.98
CA LEU B 380 8.79 -22.67 20.99
C LEU B 380 8.39 -21.67 22.08
N TRP B 381 9.30 -20.76 22.37
CA TRP B 381 9.08 -19.69 23.33
C TRP B 381 7.89 -18.81 22.92
N LEU B 382 7.58 -18.81 21.62
CA LEU B 382 6.51 -17.96 21.07
C LEU B 382 5.21 -18.72 20.90
N ASP B 383 5.27 -19.94 20.39
CA ASP B 383 4.05 -20.58 19.87
C ASP B 383 3.72 -21.99 20.35
N SER B 384 4.47 -22.48 21.35
CA SER B 384 4.29 -23.87 21.81
C SER B 384 4.46 -23.93 23.33
N THR B 385 4.76 -25.13 23.84
CA THR B 385 5.12 -25.28 25.25
C THR B 385 6.63 -25.19 25.39
N PHE B 386 7.08 -24.33 26.30
CA PHE B 386 8.49 -24.05 26.47
C PHE B 386 8.80 -23.78 27.95
N PRO B 387 9.75 -24.54 28.54
CA PRO B 387 10.46 -25.72 27.99
C PRO B 387 9.53 -26.87 27.61
N VAL B 388 10.07 -27.82 26.86
CA VAL B 388 9.28 -28.80 26.09
C VAL B 388 8.29 -29.70 26.86
N ASP B 389 8.62 -30.04 28.10
CA ASP B 389 7.81 -31.02 28.85
C ASP B 389 6.95 -30.42 29.97
N ALA B 390 6.72 -29.11 29.92
CA ALA B 390 6.19 -28.41 31.09
C ALA B 390 4.72 -28.01 31.02
N ALA B 391 3.92 -28.70 30.22
CA ALA B 391 2.47 -28.42 30.14
C ALA B 391 1.87 -28.40 31.53
N GLY B 392 1.14 -27.32 31.86
CA GLY B 392 0.58 -27.12 33.20
C GLY B 392 1.49 -26.41 34.21
N LYS B 393 2.76 -26.21 33.87
CA LYS B 393 3.73 -25.47 34.71
C LYS B 393 3.61 -23.95 34.40
N PRO B 394 3.84 -23.06 35.41
CA PRO B 394 3.60 -21.61 35.22
C PRO B 394 4.27 -20.98 33.97
N GLY B 395 3.46 -20.41 33.09
CA GLY B 395 3.97 -19.72 31.90
C GLY B 395 4.58 -20.59 30.81
N ALA B 396 4.44 -21.92 30.95
CA ALA B 396 4.99 -22.84 29.96
C ALA B 396 4.33 -22.81 28.60
N GLU B 397 3.00 -22.72 28.58
CA GLU B 397 2.22 -22.87 27.35
C GLU B 397 2.00 -21.53 26.64
N ARG B 398 2.68 -21.30 25.52
CA ARG B 398 2.62 -20.01 24.85
C ARG B 398 1.78 -20.04 23.56
N GLY B 399 1.48 -21.24 23.09
CA GLY B 399 0.61 -21.44 21.94
C GLY B 399 0.35 -22.90 21.71
N ALA B 400 -0.40 -23.21 20.65
CA ALA B 400 -0.89 -24.53 20.36
C ALA B 400 -0.05 -25.29 19.31
N CYS B 401 1.13 -24.78 18.97
CA CYS B 401 2.01 -25.49 18.03
C CYS B 401 2.62 -26.72 18.69
N PRO B 402 2.87 -27.78 17.90
CA PRO B 402 3.48 -28.97 18.50
C PRO B 402 4.87 -28.70 19.05
N THR B 403 5.24 -29.45 20.07
CA THR B 403 6.52 -29.28 20.73
C THR B 403 7.68 -29.72 19.83
N THR B 404 7.34 -30.34 18.71
CA THR B 404 8.30 -30.78 17.68
C THR B 404 8.43 -29.79 16.52
N SER B 405 7.71 -28.67 16.59
CA SER B 405 7.69 -27.72 15.47
C SER B 405 8.88 -26.78 15.54
N GLY B 406 9.12 -26.05 14.45
CA GLY B 406 10.11 -24.99 14.47
C GLY B 406 11.54 -25.40 14.21
N VAL B 407 11.81 -26.69 14.02
CA VAL B 407 13.17 -27.13 13.64
C VAL B 407 13.54 -26.53 12.28
N PRO B 408 14.65 -25.77 12.20
CA PRO B 408 14.98 -25.09 10.96
C PRO B 408 14.99 -26.01 9.74
N ALA B 409 15.58 -27.21 9.85
CA ALA B 409 15.57 -28.13 8.71
C ALA B 409 14.14 -28.39 8.19
N GLU B 410 13.20 -28.61 9.10
CA GLU B 410 11.81 -28.82 8.75
C GLU B 410 11.17 -27.58 8.13
N VAL B 411 11.22 -26.45 8.84
CA VAL B 411 10.50 -25.26 8.35
C VAL B 411 11.08 -24.77 7.03
N GLU B 412 12.41 -24.86 6.89
CA GLU B 412 13.03 -24.41 5.65
C GLU B 412 12.63 -25.27 4.43
N ALA B 413 12.62 -26.58 4.62
CA ALA B 413 12.25 -27.54 3.56
C ALA B 413 10.75 -27.52 3.31
N GLU B 414 9.98 -27.36 4.38
CA GLU B 414 8.54 -27.65 4.36
C GLU B 414 7.66 -26.41 4.26
N ALA B 415 8.15 -25.26 4.72
CA ALA B 415 7.35 -24.03 4.62
C ALA B 415 8.08 -22.88 3.92
N PRO B 416 8.72 -23.17 2.76
CA PRO B 416 9.60 -22.18 2.11
C PRO B 416 8.82 -20.98 1.59
N ASN B 417 7.56 -21.20 1.19
CA ASN B 417 6.76 -20.12 0.61
C ASN B 417 5.93 -19.33 1.62
N SER B 418 6.13 -19.62 2.90
CA SER B 418 5.51 -18.80 3.93
C SER B 418 5.93 -17.34 3.74
N ASN B 419 5.04 -16.42 4.06
CA ASN B 419 5.38 -15.01 3.97
C ASN B 419 4.56 -14.19 4.96
N VAL B 420 5.09 -13.04 5.37
CA VAL B 420 4.34 -12.06 6.16
C VAL B 420 4.20 -10.80 5.31
N VAL B 421 3.04 -10.15 5.36
CA VAL B 421 2.88 -8.88 4.66
C VAL B 421 2.53 -7.81 5.70
N PHE B 422 3.42 -6.81 5.84
CA PHE B 422 3.18 -5.64 6.69
C PHE B 422 2.69 -4.52 5.80
N SER B 423 1.69 -3.76 6.24
CA SER B 423 1.16 -2.70 5.38
C SER B 423 0.57 -1.57 6.20
N ASN B 424 0.32 -0.42 5.56
CA ASN B 424 -0.37 0.70 6.20
C ASN B 424 0.22 1.06 7.56
N ILE B 425 1.53 1.29 7.62
CA ILE B 425 2.15 1.76 8.84
C ILE B 425 1.64 3.17 9.12
N ARG B 426 1.24 3.42 10.37
CA ARG B 426 0.77 4.72 10.81
C ARG B 426 1.44 5.05 12.14
N PHE B 427 1.91 6.29 12.27
CA PHE B 427 2.58 6.72 13.47
C PHE B 427 2.14 8.14 13.84
N GLY B 428 1.91 8.38 15.13
CA GLY B 428 1.47 9.73 15.55
C GLY B 428 1.12 9.73 17.03
N PRO B 429 0.54 10.84 17.53
CA PRO B 429 0.29 10.82 18.96
C PRO B 429 -0.75 9.77 19.35
N ILE B 430 -0.84 9.49 20.64
CA ILE B 430 -1.78 8.49 21.09
C ILE B 430 -3.20 8.89 20.64
N GLY B 431 -3.94 7.93 20.09
CA GLY B 431 -5.30 8.21 19.60
C GLY B 431 -5.41 8.80 18.19
N SER B 432 -4.30 8.91 17.47
CA SER B 432 -4.33 9.52 16.14
C SER B 432 -4.40 8.57 14.94
N THR B 433 -3.98 7.31 15.10
CA THR B 433 -3.78 6.48 13.92
C THR B 433 -5.02 5.78 13.35
N VAL B 434 -6.04 5.62 14.18
CA VAL B 434 -7.24 4.91 13.75
C VAL B 434 -8.49 5.71 14.10
N ALA B 435 -9.32 6.00 13.09
CA ALA B 435 -10.57 6.73 13.34
C ALA B 435 -11.40 5.94 14.34
N GLY B 436 -11.98 6.62 15.32
CA GLY B 436 -12.80 5.94 16.32
C GLY B 436 -12.03 5.40 17.51
N LEU B 437 -10.69 5.52 17.47
CA LEU B 437 -9.86 5.11 18.60
C LEU B 437 -9.02 6.30 19.14
N PRO B 438 -9.65 7.17 19.95
CA PRO B 438 -9.10 8.48 20.26
C PRO B 438 -8.14 8.57 21.45
N GLY B 439 -7.89 7.44 22.13
CA GLY B 439 -7.07 7.43 23.35
C GLY B 439 -6.10 8.59 23.53
#